data_3LDS
#
_entry.id   3LDS
#
_cell.length_a   81.011
_cell.length_b   121.002
_cell.length_c   128.668
_cell.angle_alpha   90.00
_cell.angle_beta   90.00
_cell.angle_gamma   90.00
#
_symmetry.space_group_name_H-M   'P 21 21 21'
#
loop_
_entity.id
_entity.type
_entity.pdbx_description
1 polymer 'DNA-directed DNA polymerase'
2 polymer "DNA (5'-D(*GP*CP*GP*GP*CP*TP*GP*TP*CP*AP*TP*AP*AP*(DDG))-3')"
3 polymer "DNA (5'-D(*CP*AP*(8OG)P*CP*TP*TP*AP*TP*GP*AP*CP*AP*GP*CP*CP*GP*CP*G)-3')"
4 non-polymer "2'-DEOXYADENOSINE 5'-TRIPHOSPHATE"
5 non-polymer 'MANGANESE (II) ION'
6 non-polymer 'SULFATE ION'
7 water water
#
loop_
_entity_poly.entity_id
_entity_poly.type
_entity_poly.pdbx_seq_one_letter_code
_entity_poly.pdbx_strand_id
1 'polypeptide(L)'
;MKEFYLTVEQIGDSIFERYIDSNGRERTREVEYKPSLFAHCPESQATKYFDIYGKPCTRKLFANMRDASQWIKRMEDIGL
EALGMDDFKLAYLSDTYNYEIKYDHTKIRVANFDIEVTSPDGFPEPSQAKHPIDAITHYDSIDDRFYVFDLLNSPYGNVE
EWSIEIAAKLQEQGGDEVPSEIIDKIIYMPFDNEKELLMEYLNFWQQKTPVILTGWNVESFAIPYVYNRIKNIFGESTAK
RLSPHRKTRVKVIENMYGSREIITLFGISVLDYIDLYKKFSFTNQPSYSLDYISEFELNVGKLKYDGPISKLRESNHQRY
ISYNIIAVYRVLQIDAKRQFINLSLDMGYYAKIQIQSVFSPIKTWDAIIFNSLKEQNKVIPQGRSHPVQPYPGAFVKEPI
PNRYKYVMSFDLTSLYPSIIRQVNISPETIAGTFKVAPLHDYINAVAERPSDVYSCSPNGMMYYKDRDGVVPTEITKVFN
QRKEHKGYMLAAQRNGEIIKEALHNPNLSVDEPLDVDYRFDFSDEIKEKIKKLSAKSLNEMLFRAQRTEVAGMTAQINRK
ALINSLYGALGNVWFRYYDLRNATAITTFGQMALQWIERKVNEYLNEVCGTEGEAFVLYGDTDSIYVSADKIIDKVGESK
FRDTNHWVDFLDKFARERMEPAIDRGFREMCEYMNNKQHLMFMDREAIAGPPLGSKGIGGFWTGKKRYALNVWDMEGTRY
AEPKLKIMGLETQKSSTPKAVQKALKECIRRMLQEGEESLQEYFKEFEKEFRQLNYISIASVSSANNIAKYDVGGFPGPK
CPFHIRGILTYNRAIKGNIDAPQVVEGEKVYVLPLREGNPFGDKCIAWPSGTEITDLIKDDVLHWMDYTVLLEKTFIKPL
EGFTSAAKLDYEKKASLFDMFDF
;
A
2 'polydeoxyribonucleotide' (DG)(DC)(DG)(DG)(DC)(DT)(DG)(DT)(DC)(DA)(DT)(DA)(DA)(DDG) P
3 'polydeoxyribonucleotide' (DC)(DA)(8OG)(DC)(DT)(DT)(DA)(DT)(DG)(DA)(DC)(DA)(DG)(DC)(DC)(DG)(DC)(DG) T
#
loop_
_chem_comp.id
_chem_comp.type
_chem_comp.name
_chem_comp.formula
8OG DNA linking 8-OXO-2'-DEOXY-GUANOSINE-5'-MONOPHOSPHATE 'C10 H14 N5 O8 P'
DA DNA linking 2'-DEOXYADENOSINE-5'-MONOPHOSPHATE 'C10 H14 N5 O6 P'
DC DNA linking 2'-DEOXYCYTIDINE-5'-MONOPHOSPHATE 'C9 H14 N3 O7 P'
DDG DNA linking 2',3'-DIDEOXY-GUANOSINE-5'-MONOPHOSPHATE 'C10 H14 N5 O6 P'
DG DNA linking 2'-DEOXYGUANOSINE-5'-MONOPHOSPHATE 'C10 H14 N5 O7 P'
DT DNA linking THYMIDINE-5'-MONOPHOSPHATE 'C10 H15 N2 O8 P'
DTP non-polymer '2'-DEOXYADENOSINE 5'-TRIPHOSPHATE' 'C10 H16 N5 O12 P3'
MN non-polymer 'MANGANESE (II) ION' 'Mn 2'
SO4 non-polymer 'SULFATE ION' 'O4 S -2'
#
# COMPACT_ATOMS: atom_id res chain seq x y z
N MET A 1 -30.17 -10.42 -11.23
CA MET A 1 -31.39 -10.88 -10.52
C MET A 1 -31.56 -10.17 -9.16
N LYS A 2 -30.47 -9.62 -8.63
CA LYS A 2 -30.51 -8.88 -7.38
C LYS A 2 -29.94 -7.47 -7.48
N GLU A 3 -30.70 -6.50 -6.95
CA GLU A 3 -30.37 -5.08 -7.03
C GLU A 3 -29.20 -4.67 -6.15
N PHE A 4 -28.40 -3.74 -6.66
CA PHE A 4 -27.30 -3.14 -5.90
C PHE A 4 -27.03 -1.68 -6.29
N TYR A 5 -26.53 -0.91 -5.34
CA TYR A 5 -26.33 0.52 -5.50
C TYR A 5 -25.06 0.82 -6.27
N LEU A 6 -24.98 2.01 -6.85
CA LEU A 6 -23.78 2.44 -7.55
C LEU A 6 -23.19 3.63 -6.84
N THR A 7 -24.04 4.60 -6.50
CA THR A 7 -23.68 5.71 -5.62
C THR A 7 -24.84 6.01 -4.68
N VAL A 8 -24.53 6.69 -3.58
CA VAL A 8 -25.55 7.26 -2.70
C VAL A 8 -25.05 8.65 -2.31
N GLU A 9 -25.96 9.53 -1.91
CA GLU A 9 -25.59 10.92 -1.71
C GLU A 9 -26.74 11.70 -1.08
N GLN A 10 -26.42 12.48 -0.05
CA GLN A 10 -27.42 13.26 0.69
C GLN A 10 -27.38 14.75 0.37
N ILE A 11 -28.46 15.26 -0.21
CA ILE A 11 -28.64 16.70 -0.40
C ILE A 11 -29.93 17.12 0.29
N GLY A 12 -29.78 17.87 1.37
CA GLY A 12 -30.92 18.28 2.18
C GLY A 12 -31.66 17.09 2.74
N ASP A 13 -32.93 16.96 2.36
CA ASP A 13 -33.81 15.93 2.92
C ASP A 13 -34.23 14.88 1.89
N SER A 14 -33.49 14.81 0.80
CA SER A 14 -33.69 13.77 -0.19
C SER A 14 -32.42 12.93 -0.28
N ILE A 15 -32.58 11.63 -0.55
CA ILE A 15 -31.45 10.75 -0.83
C ILE A 15 -31.44 10.40 -2.32
N PHE A 16 -30.29 10.56 -2.95
CA PHE A 16 -30.14 10.29 -4.38
C PHE A 16 -29.29 9.04 -4.57
N GLU A 17 -29.85 8.04 -5.25
CA GLU A 17 -29.15 6.78 -5.42
C GLU A 17 -29.10 6.29 -6.85
N ARG A 18 -27.88 6.15 -7.38
CA ARG A 18 -27.67 5.41 -8.59
C ARG A 18 -27.52 3.92 -8.24
N TYR A 19 -28.33 3.09 -8.89
CA TYR A 19 -28.35 1.66 -8.64
C TYR A 19 -28.62 0.87 -9.92
N ILE A 20 -28.31 -0.42 -9.88
CA ILE A 20 -28.66 -1.36 -10.95
C ILE A 20 -29.87 -2.18 -10.51
N ASP A 21 -30.95 -2.18 -11.31
CA ASP A 21 -32.18 -2.89 -10.90
C ASP A 21 -32.10 -4.41 -11.08
N SER A 22 -33.18 -5.09 -10.70
CA SER A 22 -33.23 -6.55 -10.71
C SER A 22 -33.12 -7.18 -12.11
N ASN A 23 -33.13 -6.33 -13.13
CA ASN A 23 -32.94 -6.78 -14.52
C ASN A 23 -31.54 -6.52 -15.05
N GLY A 24 -30.96 -5.38 -14.68
CA GLY A 24 -29.59 -5.06 -15.07
C GLY A 24 -29.41 -3.64 -15.56
N ARG A 25 -30.46 -2.84 -15.49
CA ARG A 25 -30.41 -1.46 -15.96
C ARG A 25 -30.03 -0.46 -14.87
N GLU A 26 -29.21 0.52 -15.24
CA GLU A 26 -28.79 1.60 -14.35
C GLU A 26 -29.91 2.63 -14.25
N ARG A 27 -30.27 2.95 -13.02
CA ARG A 27 -31.36 3.88 -12.75
C ARG A 27 -30.99 4.87 -11.65
N THR A 28 -31.90 5.80 -11.37
CA THR A 28 -31.74 6.80 -10.31
C THR A 28 -32.99 6.82 -9.42
N ARG A 29 -32.82 7.34 -8.20
CA ARG A 29 -33.92 7.52 -7.26
C ARG A 29 -33.78 8.87 -6.55
N GLU A 30 -34.90 9.38 -6.05
CA GLU A 30 -34.88 10.58 -5.21
C GLU A 30 -35.83 10.35 -4.03
N VAL A 31 -35.28 9.86 -2.92
CA VAL A 31 -36.09 9.36 -1.80
C VAL A 31 -36.13 10.31 -0.59
N GLU A 32 -37.34 10.64 -0.14
CA GLU A 32 -37.56 11.36 1.12
C GLU A 32 -37.50 10.40 2.32
N TYR A 33 -36.28 9.95 2.63
CA TYR A 33 -36.00 8.94 3.63
C TYR A 33 -36.41 9.37 5.02
N LYS A 34 -37.06 8.46 5.75
CA LYS A 34 -37.42 8.68 7.15
C LYS A 34 -36.37 7.97 8.03
N PRO A 35 -35.39 8.75 8.54
CA PRO A 35 -34.39 8.11 9.39
C PRO A 35 -34.91 7.85 10.80
N SER A 36 -34.17 7.03 11.54
CA SER A 36 -34.50 6.71 12.92
C SER A 36 -33.28 6.90 13.82
N LEU A 37 -33.53 7.23 15.08
CA LEU A 37 -32.49 7.29 16.09
C LEU A 37 -33.12 6.84 17.39
N PHE A 38 -32.30 6.69 18.41
CA PHE A 38 -32.74 6.07 19.63
C PHE A 38 -32.31 6.87 20.84
N ALA A 39 -33.09 6.77 21.91
CA ALA A 39 -32.76 7.36 23.20
C ALA A 39 -33.09 6.39 24.33
N HIS A 40 -32.38 6.51 25.44
CA HIS A 40 -32.63 5.66 26.61
C HIS A 40 -34.00 5.97 27.19
N CYS A 41 -34.76 4.91 27.43
CA CYS A 41 -36.02 4.98 28.16
C CYS A 41 -36.09 3.78 29.12
N PRO A 42 -36.80 3.93 30.24
CA PRO A 42 -36.89 2.91 31.30
C PRO A 42 -37.39 1.49 30.90
N GLU A 43 -37.57 0.65 31.92
CA GLU A 43 -37.92 -0.78 31.78
C GLU A 43 -39.41 -1.06 31.54
N SER A 44 -40.28 -0.22 32.11
CA SER A 44 -41.74 -0.40 32.06
C SER A 44 -42.36 -0.37 30.64
N GLN A 45 -41.71 0.33 29.70
CA GLN A 45 -42.17 0.39 28.31
C GLN A 45 -41.78 -0.86 27.54
N ALA A 46 -42.74 -1.39 26.78
CA ALA A 46 -42.48 -2.55 25.92
C ALA A 46 -41.66 -2.14 24.69
N THR A 47 -40.41 -2.59 24.65
CA THR A 47 -39.48 -2.22 23.57
C THR A 47 -38.80 -3.44 22.94
N LYS A 48 -38.14 -3.25 21.79
CA LYS A 48 -37.45 -4.34 21.11
C LYS A 48 -36.07 -3.96 20.55
N TYR A 49 -35.62 -2.75 20.88
CA TYR A 49 -34.28 -2.30 20.53
C TYR A 49 -33.48 -2.09 21.81
N PHE A 50 -32.29 -2.65 21.85
CA PHE A 50 -31.35 -2.39 22.93
C PHE A 50 -30.07 -1.77 22.35
N ASP A 51 -29.30 -1.08 23.19
CA ASP A 51 -27.94 -0.69 22.84
C ASP A 51 -27.03 -1.90 23.03
N ILE A 52 -25.74 -1.74 22.75
CA ILE A 52 -24.82 -2.87 22.76
C ILE A 52 -24.59 -3.44 24.14
N TYR A 53 -24.89 -2.64 25.17
CA TYR A 53 -24.76 -3.07 26.55
C TYR A 53 -26.01 -3.79 27.06
N GLY A 54 -27.10 -3.72 26.30
CA GLY A 54 -28.33 -4.43 26.66
C GLY A 54 -29.31 -3.60 27.46
N LYS A 55 -29.03 -2.30 27.57
CA LYS A 55 -29.98 -1.33 28.09
C LYS A 55 -31.04 -1.10 27.02
N PRO A 56 -32.31 -0.94 27.44
CA PRO A 56 -33.37 -0.65 26.49
C PRO A 56 -33.27 0.74 25.87
N CYS A 57 -33.69 0.83 24.61
CA CYS A 57 -33.69 2.09 23.87
C CYS A 57 -35.00 2.26 23.12
N THR A 58 -35.48 3.50 23.05
CA THR A 58 -36.70 3.81 22.34
C THR A 58 -36.37 4.43 20.97
N ARG A 59 -37.15 4.09 19.96
CA ARG A 59 -36.91 4.50 18.58
C ARG A 59 -37.73 5.74 18.20
N LYS A 60 -37.07 6.70 17.57
CA LYS A 60 -37.75 7.90 17.09
C LYS A 60 -37.63 8.03 15.57
N LEU A 61 -38.77 8.10 14.91
CA LEU A 61 -38.83 8.28 13.47
C LEU A 61 -39.08 9.74 13.13
N PHE A 62 -38.13 10.34 12.43
CA PHE A 62 -38.23 11.73 12.01
C PHE A 62 -38.74 11.76 10.58
N ALA A 63 -39.52 12.79 10.24
CA ALA A 63 -40.05 12.97 8.89
C ALA A 63 -38.91 13.22 7.90
N ASN A 64 -38.11 14.24 8.18
CA ASN A 64 -36.95 14.55 7.37
C ASN A 64 -35.64 14.47 8.15
N MET A 65 -34.51 14.60 7.47
CA MET A 65 -33.21 14.54 8.11
C MET A 65 -32.86 15.85 8.80
N ARG A 66 -33.31 16.96 8.22
CA ARG A 66 -33.17 18.28 8.82
C ARG A 66 -33.62 18.18 10.28
N ASP A 67 -34.74 17.51 10.50
CA ASP A 67 -35.28 17.23 11.84
C ASP A 67 -34.37 16.28 12.62
N ALA A 68 -34.01 15.16 11.97
CA ALA A 68 -33.22 14.10 12.57
C ALA A 68 -31.88 14.58 13.12
N SER A 69 -31.25 15.51 12.42
CA SER A 69 -29.98 16.09 12.87
C SER A 69 -30.17 17.11 13.99
N GLN A 70 -31.09 18.05 13.80
CA GLN A 70 -31.39 19.10 14.78
C GLN A 70 -31.62 18.46 16.13
N TRP A 71 -32.26 17.30 16.10
CA TRP A 71 -32.51 16.53 17.28
C TRP A 71 -31.20 16.22 17.98
N ILE A 72 -30.28 15.59 17.26
CA ILE A 72 -28.97 15.25 17.78
C ILE A 72 -28.29 16.43 18.50
N LYS A 73 -28.23 17.58 17.86
CA LYS A 73 -27.53 18.72 18.46
C LYS A 73 -28.30 19.41 19.59
N ARG A 74 -29.58 19.11 19.73
CA ARG A 74 -30.29 19.53 20.95
C ARG A 74 -30.20 18.46 22.04
N MET A 75 -29.84 17.23 21.64
CA MET A 75 -29.68 16.12 22.58
C MET A 75 -28.34 16.17 23.33
N GLU A 76 -27.28 16.54 22.61
CA GLU A 76 -25.96 16.72 23.20
C GLU A 76 -25.94 17.99 24.03
N ASP A 77 -26.63 19.02 23.51
CA ASP A 77 -26.81 20.26 24.25
C ASP A 77 -27.36 20.01 25.64
N ILE A 78 -28.44 19.23 25.72
CA ILE A 78 -28.98 18.79 27.01
C ILE A 78 -27.99 17.82 27.66
N GLY A 79 -27.36 16.98 26.84
CA GLY A 79 -26.37 16.03 27.32
C GLY A 79 -26.93 14.65 27.59
N LEU A 80 -27.73 14.15 26.66
CA LEU A 80 -28.27 12.81 26.74
C LEU A 80 -27.89 12.11 25.45
N GLU A 81 -27.51 10.83 25.56
CA GLU A 81 -27.02 10.04 24.43
C GLU A 81 -28.04 10.00 23.28
N ALA A 82 -27.64 10.57 22.15
CA ALA A 82 -28.39 10.42 20.90
C ALA A 82 -27.84 9.22 20.15
N LEU A 83 -28.49 8.07 20.32
CA LEU A 83 -27.98 6.83 19.79
C LEU A 83 -28.37 6.65 18.33
N GLY A 84 -27.65 5.77 17.64
CA GLY A 84 -28.03 5.37 16.28
C GLY A 84 -27.13 5.90 15.18
N MET A 85 -27.33 5.37 13.98
CA MET A 85 -26.52 5.79 12.83
C MET A 85 -26.83 7.21 12.42
N ASP A 86 -25.85 8.08 12.64
CA ASP A 86 -25.98 9.49 12.31
C ASP A 86 -25.56 9.79 10.86
N ASP A 87 -24.88 8.85 10.23
CA ASP A 87 -24.53 9.05 8.83
C ASP A 87 -25.62 8.46 7.94
N PHE A 88 -26.66 9.27 7.74
CA PHE A 88 -27.93 8.82 7.18
C PHE A 88 -27.81 8.00 5.91
N LYS A 89 -26.77 8.29 5.12
CA LYS A 89 -26.49 7.56 3.87
C LYS A 89 -26.35 6.07 4.14
N LEU A 90 -25.55 5.74 5.16
CA LEU A 90 -25.26 4.35 5.48
C LEU A 90 -26.49 3.61 5.99
N ALA A 91 -27.11 4.15 7.05
CA ALA A 91 -28.35 3.60 7.58
C ALA A 91 -29.32 3.28 6.43
N TYR A 92 -29.39 4.20 5.48
CA TYR A 92 -30.20 4.03 4.29
C TYR A 92 -29.80 2.82 3.47
N LEU A 93 -28.52 2.70 3.15
CA LEU A 93 -28.06 1.58 2.34
C LEU A 93 -28.39 0.27 3.02
N SER A 94 -28.16 0.22 4.33
CA SER A 94 -28.46 -0.94 5.16
C SER A 94 -29.93 -1.33 5.09
N ASP A 95 -30.79 -0.32 5.07
CA ASP A 95 -32.24 -0.51 4.99
C ASP A 95 -32.65 -1.12 3.67
N THR A 96 -32.06 -0.61 2.59
CA THR A 96 -32.39 -1.00 1.24
C THR A 96 -31.72 -2.32 0.84
N TYR A 97 -30.63 -2.65 1.51
CA TYR A 97 -29.86 -3.83 1.13
C TYR A 97 -29.70 -4.81 2.27
N ASN A 98 -30.83 -5.33 2.72
CA ASN A 98 -30.90 -6.26 3.85
C ASN A 98 -30.43 -7.65 3.45
N TYR A 99 -29.24 -7.71 2.89
CA TYR A 99 -28.62 -8.96 2.43
C TYR A 99 -27.17 -8.72 2.04
N GLU A 100 -26.44 -9.82 1.85
CA GLU A 100 -25.07 -9.79 1.34
C GLU A 100 -25.09 -9.38 -0.14
N ILE A 101 -24.30 -8.37 -0.49
CA ILE A 101 -24.29 -7.81 -1.85
C ILE A 101 -23.39 -8.57 -2.85
N LYS A 102 -24.02 -9.09 -3.89
CA LYS A 102 -23.33 -9.92 -4.88
C LYS A 102 -23.22 -9.18 -6.22
N TYR A 103 -22.52 -8.04 -6.18
CA TYR A 103 -22.41 -7.12 -7.30
C TYR A 103 -21.79 -7.75 -8.54
N ASP A 104 -22.02 -7.14 -9.70
CA ASP A 104 -21.50 -7.61 -10.99
C ASP A 104 -20.72 -6.47 -11.67
N HIS A 105 -19.40 -6.59 -11.71
CA HIS A 105 -18.53 -5.50 -12.20
C HIS A 105 -18.79 -5.05 -13.64
N THR A 106 -19.49 -5.87 -14.41
CA THR A 106 -19.70 -5.63 -15.83
C THR A 106 -20.85 -4.66 -16.12
N LYS A 107 -21.60 -4.33 -15.08
CA LYS A 107 -22.72 -3.39 -15.23
C LYS A 107 -22.39 -2.04 -14.54
N ILE A 108 -21.21 -1.98 -13.94
CA ILE A 108 -20.75 -0.76 -13.28
C ILE A 108 -19.84 0.02 -14.23
N ARG A 109 -20.23 1.25 -14.55
CA ARG A 109 -19.48 2.07 -15.48
C ARG A 109 -18.25 2.67 -14.84
N VAL A 110 -17.09 2.20 -15.26
CA VAL A 110 -15.81 2.71 -14.79
C VAL A 110 -15.12 3.48 -15.92
N ALA A 111 -14.82 4.73 -15.67
CA ALA A 111 -14.19 5.56 -16.67
C ALA A 111 -12.87 6.02 -16.15
N ASN A 112 -11.88 6.10 -17.03
CA ASN A 112 -10.71 6.95 -16.73
C ASN A 112 -10.24 7.72 -17.92
N PHE A 113 -9.69 8.91 -17.64
CA PHE A 113 -9.48 9.92 -18.65
C PHE A 113 -8.31 10.84 -18.33
N ASP A 114 -7.56 11.22 -19.36
CA ASP A 114 -6.45 12.13 -19.20
C ASP A 114 -6.72 13.40 -20.00
N ILE A 115 -6.40 14.53 -19.39
CA ILE A 115 -6.55 15.82 -20.03
C ILE A 115 -5.18 16.30 -20.45
N GLU A 116 -5.08 16.90 -21.64
CA GLU A 116 -3.90 17.68 -21.97
C GLU A 116 -4.25 19.15 -22.16
N VAL A 117 -3.32 19.99 -21.75
CA VAL A 117 -3.45 21.44 -21.78
C VAL A 117 -2.07 21.99 -22.13
N THR A 118 -2.01 22.93 -23.05
CA THR A 118 -0.74 23.58 -23.37
C THR A 118 -0.60 24.82 -22.50
N SER A 119 0.61 25.08 -22.02
CA SER A 119 0.86 26.28 -21.23
C SER A 119 2.31 26.75 -21.27
N PRO A 120 2.56 27.89 -21.93
CA PRO A 120 3.86 28.56 -21.79
C PRO A 120 3.99 29.26 -20.41
N ASP A 121 2.87 29.48 -19.73
CA ASP A 121 2.86 30.07 -18.38
C ASP A 121 3.40 29.13 -17.29
N GLY A 122 3.94 27.98 -17.68
CA GLY A 122 4.29 26.94 -16.73
C GLY A 122 3.04 26.14 -16.39
N PHE A 123 3.02 25.54 -15.21
CA PHE A 123 1.91 24.67 -14.81
C PHE A 123 0.57 25.39 -14.84
N PRO A 124 -0.43 24.79 -15.53
CA PRO A 124 -1.80 25.30 -15.59
C PRO A 124 -2.59 25.00 -14.30
N GLU A 125 -2.92 26.04 -13.53
CA GLU A 125 -3.62 25.86 -12.26
C GLU A 125 -5.09 25.51 -12.46
N PRO A 126 -5.50 24.31 -12.01
CA PRO A 126 -6.87 23.82 -12.21
C PRO A 126 -7.92 24.74 -11.60
N SER A 127 -7.53 25.57 -10.64
CA SER A 127 -8.42 26.55 -10.03
C SER A 127 -8.74 27.70 -10.99
N GLN A 128 -7.81 27.98 -11.89
CA GLN A 128 -7.88 29.16 -12.74
C GLN A 128 -8.11 28.86 -14.21
N ALA A 129 -7.96 27.59 -14.59
CA ALA A 129 -8.18 27.13 -15.96
C ALA A 129 -7.86 28.21 -16.99
N LYS A 130 -6.69 28.81 -16.83
CA LYS A 130 -6.27 30.00 -17.58
C LYS A 130 -6.15 29.72 -19.07
N HIS A 131 -5.81 28.47 -19.40
CA HIS A 131 -5.54 28.05 -20.77
C HIS A 131 -6.54 27.00 -21.28
N PRO A 132 -6.60 26.78 -22.61
CA PRO A 132 -7.61 25.88 -23.13
C PRO A 132 -7.19 24.42 -23.15
N ILE A 133 -8.15 23.54 -22.87
CA ILE A 133 -7.97 22.10 -23.00
C ILE A 133 -7.93 21.78 -24.49
N ASP A 134 -6.96 20.98 -24.89
CA ASP A 134 -6.80 20.68 -26.31
C ASP A 134 -6.75 19.19 -26.60
N ALA A 135 -6.87 18.39 -25.54
CA ALA A 135 -6.99 16.94 -25.66
C ALA A 135 -7.67 16.31 -24.46
N ILE A 136 -8.66 15.47 -24.72
CA ILE A 136 -9.25 14.63 -23.68
C ILE A 136 -9.34 13.21 -24.21
N THR A 137 -8.94 12.25 -23.40
CA THR A 137 -9.18 10.86 -23.75
C THR A 137 -9.91 10.19 -22.60
N HIS A 138 -10.98 9.50 -22.94
CA HIS A 138 -11.92 8.98 -21.96
C HIS A 138 -12.21 7.52 -22.30
N TYR A 139 -11.76 6.61 -21.45
CA TYR A 139 -12.09 5.19 -21.59
C TYR A 139 -13.35 4.83 -20.81
N ASP A 140 -14.26 4.09 -21.46
CA ASP A 140 -15.46 3.58 -20.78
C ASP A 140 -15.34 2.06 -20.59
N SER A 141 -15.59 1.56 -19.38
CA SER A 141 -15.45 0.13 -19.09
C SER A 141 -16.53 -0.75 -19.74
N ILE A 142 -17.64 -0.15 -20.11
CA ILE A 142 -18.75 -0.90 -20.71
C ILE A 142 -18.67 -0.89 -22.24
N ASP A 143 -18.43 0.29 -22.81
CA ASP A 143 -18.23 0.40 -24.26
C ASP A 143 -16.86 -0.15 -24.66
N ASP A 144 -15.93 -0.09 -23.72
CA ASP A 144 -14.56 -0.57 -23.94
C ASP A 144 -13.99 0.17 -25.14
N ARG A 145 -14.10 1.50 -25.08
CA ARG A 145 -13.59 2.37 -26.13
C ARG A 145 -12.88 3.57 -25.53
N PHE A 146 -11.74 3.93 -26.13
CA PHE A 146 -11.05 5.17 -25.80
C PHE A 146 -11.69 6.24 -26.67
N TYR A 147 -12.46 7.11 -26.04
CA TYR A 147 -13.06 8.20 -26.77
C TYR A 147 -12.11 9.37 -26.75
N VAL A 148 -11.53 9.66 -27.90
CA VAL A 148 -10.56 10.73 -28.03
C VAL A 148 -11.24 12.00 -28.50
N PHE A 149 -10.99 13.08 -27.78
CA PHE A 149 -11.53 14.39 -28.08
C PHE A 149 -10.36 15.28 -28.44
N ASP A 150 -10.18 15.52 -29.74
CA ASP A 150 -9.02 16.25 -30.23
C ASP A 150 -9.40 17.69 -30.59
N LEU A 151 -8.74 18.67 -29.97
CA LEU A 151 -8.91 20.05 -30.44
C LEU A 151 -7.90 20.36 -31.54
N LEU A 152 -8.35 21.03 -32.60
CA LEU A 152 -7.49 21.34 -33.75
C LEU A 152 -6.93 22.76 -33.70
N ASN A 153 -7.78 23.74 -33.44
CA ASN A 153 -7.35 25.14 -33.40
C ASN A 153 -7.37 25.76 -32.02
N SER A 154 -6.28 26.45 -31.66
CA SER A 154 -6.19 27.16 -30.39
C SER A 154 -5.23 28.35 -30.53
N PRO A 155 -5.36 29.35 -29.64
CA PRO A 155 -4.50 30.55 -29.69
C PRO A 155 -3.00 30.23 -29.76
N TYR A 156 -2.64 28.99 -29.44
CA TYR A 156 -1.26 28.53 -29.58
C TYR A 156 -1.11 27.69 -30.84
N GLY A 157 -1.64 28.18 -31.96
CA GLY A 157 -1.40 27.55 -33.26
C GLY A 157 -2.37 26.44 -33.66
N ASN A 158 -2.56 26.30 -34.98
CA ASN A 158 -3.57 25.41 -35.53
C ASN A 158 -2.92 24.16 -36.11
N VAL A 159 -3.62 23.03 -36.05
CA VAL A 159 -3.04 21.74 -36.48
C VAL A 159 -4.02 20.84 -37.21
N GLU A 160 -3.47 19.83 -37.90
CA GLU A 160 -4.22 18.86 -38.70
C GLU A 160 -4.68 17.68 -37.84
N GLU A 161 -5.65 16.92 -38.34
CA GLU A 161 -6.17 15.73 -37.66
C GLU A 161 -5.08 14.70 -37.31
N TRP A 162 -5.37 13.89 -36.29
CA TRP A 162 -4.53 12.79 -35.87
C TRP A 162 -4.85 11.53 -36.70
N SER A 163 -3.84 10.73 -36.98
CA SER A 163 -4.04 9.56 -37.86
C SER A 163 -3.81 8.21 -37.20
N ILE A 164 -4.88 7.42 -37.13
CA ILE A 164 -4.82 6.06 -36.60
C ILE A 164 -3.85 5.17 -37.38
N GLU A 165 -3.60 5.52 -38.64
CA GLU A 165 -2.62 4.82 -39.47
C GLU A 165 -1.22 5.07 -38.91
N ILE A 166 -0.76 6.31 -38.96
CA ILE A 166 0.57 6.70 -38.48
C ILE A 166 0.75 6.34 -37.00
N ALA A 167 -0.31 6.53 -36.21
CA ALA A 167 -0.29 6.18 -34.80
C ALA A 167 0.05 4.71 -34.55
N ALA A 168 -0.60 3.82 -35.30
CA ALA A 168 -0.40 2.38 -35.09
C ALA A 168 0.95 1.86 -35.60
N LYS A 169 1.62 2.64 -36.46
CA LYS A 169 2.94 2.26 -37.00
C LYS A 169 4.03 2.22 -35.92
N LEU A 170 5.23 1.82 -36.33
CA LEU A 170 6.37 1.65 -35.43
C LEU A 170 7.06 2.99 -35.19
N GLN A 171 7.55 3.21 -33.98
CA GLN A 171 8.45 4.33 -33.69
C GLN A 171 9.64 4.31 -34.66
N GLU A 172 9.96 3.10 -35.11
CA GLU A 172 11.08 2.87 -36.00
C GLU A 172 10.72 3.26 -37.45
N GLN A 173 9.44 3.55 -37.67
CA GLN A 173 8.91 4.03 -38.95
C GLN A 173 8.50 5.49 -38.86
N GLY A 174 8.59 6.07 -37.67
CA GLY A 174 8.10 7.41 -37.44
C GLY A 174 6.70 7.41 -36.84
N GLY A 175 6.11 6.22 -36.68
CA GLY A 175 4.81 6.10 -36.04
C GLY A 175 4.90 6.31 -34.55
N ASP A 176 3.83 6.04 -33.83
CA ASP A 176 3.80 6.29 -32.39
C ASP A 176 3.67 5.01 -31.58
N GLU A 177 3.68 3.86 -32.25
CA GLU A 177 3.53 2.56 -31.57
C GLU A 177 2.37 2.59 -30.55
N VAL A 178 1.16 2.96 -30.99
CA VAL A 178 -0.01 2.81 -30.12
C VAL A 178 -0.35 1.33 -30.15
N PRO A 179 -0.37 0.67 -28.98
CA PRO A 179 -0.68 -0.76 -28.88
C PRO A 179 -1.82 -1.18 -29.82
N SER A 180 -1.62 -2.26 -30.57
CA SER A 180 -2.68 -2.72 -31.46
C SER A 180 -3.83 -3.34 -30.68
N GLU A 181 -3.53 -3.89 -29.49
CA GLU A 181 -4.55 -4.40 -28.58
C GLU A 181 -5.77 -3.48 -28.52
N ILE A 182 -5.53 -2.20 -28.77
CA ILE A 182 -6.55 -1.17 -28.59
C ILE A 182 -6.80 -0.26 -29.80
N ILE A 183 -6.04 -0.44 -30.88
CA ILE A 183 -6.20 0.41 -32.05
C ILE A 183 -7.62 0.40 -32.62
N ASP A 184 -8.27 -0.76 -32.58
CA ASP A 184 -9.63 -0.87 -33.06
C ASP A 184 -10.68 -0.45 -32.02
N LYS A 185 -10.22 -0.10 -30.82
CA LYS A 185 -11.09 0.37 -29.74
C LYS A 185 -11.09 1.90 -29.59
N ILE A 186 -10.40 2.59 -30.48
CA ILE A 186 -10.26 4.04 -30.41
C ILE A 186 -11.40 4.73 -31.18
N ILE A 187 -12.12 5.62 -30.50
CA ILE A 187 -13.13 6.46 -31.14
C ILE A 187 -12.61 7.89 -31.17
N TYR A 188 -12.31 8.37 -32.38
CA TYR A 188 -11.67 9.66 -32.54
C TYR A 188 -12.60 10.70 -33.15
N MET A 189 -12.65 11.88 -32.54
CA MET A 189 -13.49 12.96 -33.04
C MET A 189 -12.79 14.33 -32.89
N PRO A 190 -12.45 14.97 -34.02
CA PRO A 190 -11.71 16.23 -33.99
C PRO A 190 -12.63 17.43 -33.85
N PHE A 191 -12.10 18.53 -33.33
CA PHE A 191 -12.90 19.73 -33.08
C PHE A 191 -12.24 21.03 -33.54
N ASP A 192 -13.06 21.91 -34.12
CA ASP A 192 -12.62 23.18 -34.72
C ASP A 192 -12.40 24.28 -33.69
N ASN A 193 -13.33 24.39 -32.75
CA ASN A 193 -13.16 25.26 -31.59
C ASN A 193 -13.24 24.46 -30.31
N GLU A 194 -12.69 25.02 -29.25
CA GLU A 194 -12.77 24.45 -27.91
C GLU A 194 -14.23 24.25 -27.46
N LYS A 195 -15.05 25.30 -27.57
CA LYS A 195 -16.44 25.26 -27.11
C LYS A 195 -17.23 24.07 -27.66
N GLU A 196 -16.96 23.70 -28.91
CA GLU A 196 -17.51 22.48 -29.52
C GLU A 196 -16.96 21.20 -28.90
N LEU A 197 -15.65 21.14 -28.79
CA LEU A 197 -14.99 20.02 -28.12
C LEU A 197 -15.58 19.85 -26.75
N LEU A 198 -15.91 20.97 -26.12
CA LEU A 198 -16.35 20.96 -24.75
C LEU A 198 -17.80 20.51 -24.69
N MET A 199 -18.69 21.14 -25.45
CA MET A 199 -20.11 20.80 -25.40
C MET A 199 -20.39 19.34 -25.72
N GLU A 200 -19.67 18.80 -26.72
CA GLU A 200 -19.88 17.41 -27.12
C GLU A 200 -19.37 16.47 -26.03
N TYR A 201 -18.31 16.86 -25.33
CA TYR A 201 -17.79 16.03 -24.23
C TYR A 201 -18.74 16.04 -23.03
N LEU A 202 -19.34 17.18 -22.75
CA LEU A 202 -20.36 17.26 -21.71
C LEU A 202 -21.58 16.40 -22.03
N ASN A 203 -22.08 16.52 -23.25
CA ASN A 203 -23.19 15.69 -23.70
C ASN A 203 -22.88 14.20 -23.55
N PHE A 204 -21.67 13.83 -23.99
CA PHE A 204 -21.14 12.46 -23.92
C PHE A 204 -21.13 11.91 -22.49
N TRP A 205 -20.74 12.77 -21.55
CA TRP A 205 -20.74 12.48 -20.13
C TRP A 205 -22.14 12.09 -19.64
N GLN A 206 -23.15 12.74 -20.22
CA GLN A 206 -24.55 12.45 -19.88
C GLN A 206 -24.95 11.03 -20.26
N GLN A 207 -24.68 10.69 -21.51
CA GLN A 207 -25.01 9.39 -22.10
C GLN A 207 -24.24 8.25 -21.44
N LYS A 208 -23.02 8.54 -20.98
CA LYS A 208 -22.17 7.55 -20.31
C LYS A 208 -21.63 8.09 -18.98
N THR A 209 -22.54 8.52 -18.10
CA THR A 209 -22.17 9.04 -16.80
C THR A 209 -21.53 7.93 -15.97
N PRO A 210 -20.27 8.14 -15.57
CA PRO A 210 -19.47 7.19 -14.82
C PRO A 210 -19.85 7.05 -13.35
N VAL A 211 -19.69 5.85 -12.82
CA VAL A 211 -19.83 5.59 -11.40
C VAL A 211 -18.46 5.80 -10.78
N ILE A 212 -17.56 4.86 -11.04
CA ILE A 212 -16.17 5.01 -10.66
C ILE A 212 -15.48 5.91 -11.69
N LEU A 213 -14.83 6.96 -11.21
CA LEU A 213 -14.03 7.80 -12.09
C LEU A 213 -12.59 7.75 -11.60
N THR A 214 -11.67 7.58 -12.55
CA THR A 214 -10.29 7.30 -12.20
C THR A 214 -9.30 7.87 -13.20
N GLY A 215 -8.04 7.47 -13.11
CA GLY A 215 -6.98 8.09 -13.88
C GLY A 215 -5.85 8.47 -12.94
N TRP A 216 -4.97 9.37 -13.37
CA TRP A 216 -3.78 9.74 -12.58
C TRP A 216 -3.83 11.21 -12.21
N ASN A 217 -3.91 11.51 -10.92
CA ASN A 217 -4.18 12.88 -10.42
C ASN A 217 -5.47 13.47 -10.94
N VAL A 218 -6.42 12.64 -11.33
CA VAL A 218 -7.67 13.16 -11.89
C VAL A 218 -8.42 13.94 -10.83
N GLU A 219 -8.21 13.62 -9.57
CA GLU A 219 -8.87 14.36 -8.50
C GLU A 219 -8.23 15.72 -8.21
N SER A 220 -6.93 15.84 -8.45
CA SER A 220 -6.27 17.13 -8.22
C SER A 220 -6.01 17.96 -9.49
N PHE A 221 -6.01 17.32 -10.65
CA PHE A 221 -5.86 18.04 -11.90
C PHE A 221 -7.05 17.91 -12.84
N ALA A 222 -7.16 16.76 -13.52
CA ALA A 222 -8.08 16.63 -14.63
C ALA A 222 -9.50 17.08 -14.29
N ILE A 223 -10.02 16.68 -13.12
CA ILE A 223 -11.37 17.10 -12.75
C ILE A 223 -11.45 18.60 -12.45
N PRO A 224 -10.75 19.08 -11.40
CA PRO A 224 -10.89 20.50 -11.08
C PRO A 224 -10.70 21.40 -12.29
N TYR A 225 -9.67 21.11 -13.08
CA TYR A 225 -9.39 21.90 -14.29
C TYR A 225 -10.54 21.92 -15.28
N VAL A 226 -11.00 20.75 -15.69
CA VAL A 226 -12.11 20.70 -16.65
C VAL A 226 -13.36 21.37 -16.07
N TYR A 227 -13.64 21.15 -14.79
CA TYR A 227 -14.76 21.82 -14.12
C TYR A 227 -14.62 23.34 -14.18
N ASN A 228 -13.42 23.84 -13.94
CA ASN A 228 -13.19 25.27 -13.92
C ASN A 228 -13.10 25.91 -15.29
N ARG A 229 -12.66 25.13 -16.27
CA ARG A 229 -12.65 25.63 -17.63
C ARG A 229 -14.09 25.95 -17.99
N ILE A 230 -14.95 24.94 -17.86
CA ILE A 230 -16.37 25.06 -18.19
C ILE A 230 -17.05 26.18 -17.40
N LYS A 231 -16.82 26.22 -16.08
CA LYS A 231 -17.28 27.32 -15.23
C LYS A 231 -17.09 28.66 -15.94
N ASN A 232 -15.85 28.97 -16.30
CA ASN A 232 -15.52 30.27 -16.92
C ASN A 232 -16.04 30.49 -18.33
N ILE A 233 -16.30 29.40 -19.05
CA ILE A 233 -16.78 29.49 -20.43
C ILE A 233 -18.32 29.49 -20.51
N PHE A 234 -18.93 28.45 -19.94
CA PHE A 234 -20.38 28.26 -20.04
C PHE A 234 -21.18 28.78 -18.85
N GLY A 235 -20.48 29.30 -17.85
CA GLY A 235 -21.15 29.63 -16.60
C GLY A 235 -21.22 28.38 -15.75
N GLU A 236 -21.26 28.58 -14.43
CA GLU A 236 -21.23 27.53 -13.43
C GLU A 236 -22.39 26.55 -13.56
N SER A 237 -23.54 27.07 -13.97
CA SER A 237 -24.76 26.30 -14.16
C SER A 237 -24.55 25.06 -15.04
N THR A 238 -23.97 25.25 -16.22
CA THR A 238 -23.63 24.14 -17.11
C THR A 238 -22.46 23.33 -16.56
N ALA A 239 -21.57 23.99 -15.82
CA ALA A 239 -20.42 23.34 -15.20
C ALA A 239 -20.83 22.26 -14.18
N LYS A 240 -21.95 22.49 -13.50
CA LYS A 240 -22.49 21.54 -12.51
C LYS A 240 -23.12 20.31 -13.18
N ARG A 241 -23.26 20.36 -14.50
CA ARG A 241 -23.81 19.27 -15.32
C ARG A 241 -22.94 18.01 -15.24
N LEU A 242 -21.73 18.18 -14.72
CA LEU A 242 -20.76 17.11 -14.52
C LEU A 242 -21.15 16.12 -13.42
N SER A 243 -22.14 16.47 -12.62
CA SER A 243 -22.63 15.57 -11.58
C SER A 243 -24.09 15.23 -11.88
N PRO A 244 -24.40 13.93 -12.00
CA PRO A 244 -25.68 13.43 -12.49
C PRO A 244 -26.89 13.98 -11.71
N HIS A 245 -26.59 14.64 -10.59
CA HIS A 245 -27.62 15.27 -9.77
C HIS A 245 -27.51 16.80 -9.72
N ARG A 246 -26.45 17.35 -10.32
CA ARG A 246 -26.25 18.81 -10.44
C ARG A 246 -25.90 19.48 -9.10
N LYS A 247 -24.92 18.91 -8.41
CA LYS A 247 -24.38 19.50 -7.19
C LYS A 247 -22.89 19.20 -7.05
N THR A 248 -22.13 20.26 -6.78
CA THR A 248 -20.68 20.19 -6.67
C THR A 248 -20.23 21.03 -5.49
N ARG A 249 -19.31 20.49 -4.68
CA ARG A 249 -18.78 21.20 -3.52
C ARG A 249 -17.26 21.30 -3.63
N VAL A 250 -16.72 22.48 -3.35
CA VAL A 250 -15.28 22.69 -3.37
C VAL A 250 -14.67 22.20 -2.05
N LYS A 251 -14.33 20.90 -2.01
CA LYS A 251 -13.85 20.22 -0.81
C LYS A 251 -12.40 20.62 -0.48
N VAL A 252 -12.20 21.12 0.73
CA VAL A 252 -10.91 21.63 1.18
C VAL A 252 -10.10 20.56 1.93
N ILE A 253 -8.93 20.21 1.37
CA ILE A 253 -8.00 19.29 2.01
C ILE A 253 -6.93 20.12 2.74
N GLU A 254 -6.89 20.01 4.06
CA GLU A 254 -5.88 20.70 4.85
C GLU A 254 -4.97 19.75 5.61
N ASN A 255 -3.67 20.03 5.55
CA ASN A 255 -2.68 19.32 6.35
C ASN A 255 -2.13 20.15 7.50
N MET A 256 -1.12 19.59 8.19
CA MET A 256 -0.30 20.35 9.10
C MET A 256 0.67 21.24 8.30
N TYR A 257 0.55 21.18 6.98
CA TYR A 257 1.38 21.95 6.07
C TYR A 257 0.61 23.13 5.44
N GLY A 258 -0.34 22.82 4.55
CA GLY A 258 -1.12 23.85 3.85
C GLY A 258 -2.56 23.46 3.53
N SER A 259 -3.07 23.94 2.40
CA SER A 259 -4.48 23.75 2.04
C SER A 259 -4.76 23.73 0.53
N ARG A 260 -4.84 22.53 -0.04
CA ARG A 260 -5.19 22.37 -1.46
C ARG A 260 -6.71 22.27 -1.65
N GLU A 261 -7.18 22.45 -2.89
CA GLU A 261 -8.62 22.43 -3.18
C GLU A 261 -9.03 21.40 -4.25
N ILE A 262 -10.01 20.56 -3.90
CA ILE A 262 -10.59 19.60 -4.85
C ILE A 262 -12.09 19.84 -5.05
N ILE A 263 -12.63 19.32 -6.15
CA ILE A 263 -14.05 19.51 -6.46
C ILE A 263 -14.82 18.20 -6.31
N THR A 264 -15.92 18.26 -5.56
CA THR A 264 -16.79 17.10 -5.35
C THR A 264 -17.91 17.03 -6.36
N LEU A 265 -18.08 15.86 -6.95
CA LEU A 265 -19.12 15.62 -7.92
C LEU A 265 -20.14 14.67 -7.33
N PHE A 266 -21.15 15.23 -6.67
CA PHE A 266 -22.21 14.43 -6.06
C PHE A 266 -22.82 13.49 -7.10
N GLY A 267 -22.81 12.20 -6.77
CA GLY A 267 -23.31 11.17 -7.67
C GLY A 267 -22.21 10.41 -8.41
N ILE A 268 -20.96 10.79 -8.19
CA ILE A 268 -19.82 10.09 -8.80
C ILE A 268 -18.79 9.79 -7.73
N SER A 269 -18.41 8.52 -7.63
CA SER A 269 -17.41 8.12 -6.65
C SER A 269 -16.04 8.13 -7.31
N VAL A 270 -15.22 9.11 -6.93
CA VAL A 270 -13.91 9.31 -7.54
C VAL A 270 -12.83 8.60 -6.75
N LEU A 271 -12.21 7.64 -7.42
CA LEU A 271 -11.05 6.94 -6.91
C LEU A 271 -9.91 7.27 -7.87
N ASP A 272 -9.11 8.27 -7.49
CA ASP A 272 -7.92 8.64 -8.24
C ASP A 272 -6.94 7.47 -8.14
N TYR A 273 -6.28 7.11 -9.25
CA TYR A 273 -5.42 5.94 -9.19
C TYR A 273 -4.14 6.22 -8.41
N ILE A 274 -3.73 7.47 -8.32
CA ILE A 274 -2.53 7.81 -7.57
C ILE A 274 -2.79 7.67 -6.08
N ASP A 275 -4.04 7.87 -5.68
CA ASP A 275 -4.42 7.63 -4.32
C ASP A 275 -4.71 6.14 -4.10
N LEU A 276 -5.24 5.46 -5.12
CA LEU A 276 -5.36 4.00 -5.04
C LEU A 276 -4.01 3.36 -4.86
N TYR A 277 -3.06 3.78 -5.69
CA TYR A 277 -1.76 3.13 -5.78
C TYR A 277 -0.93 3.38 -4.53
N LYS A 278 -1.01 4.61 -4.02
CA LYS A 278 -0.27 4.99 -2.80
C LYS A 278 -0.78 4.26 -1.58
N LYS A 279 -2.04 3.84 -1.62
CA LYS A 279 -2.64 3.16 -0.50
C LYS A 279 -2.43 1.66 -0.53
N PHE A 280 -2.73 1.04 -1.67
CA PHE A 280 -2.82 -0.42 -1.74
C PHE A 280 -1.57 -1.12 -2.28
N SER A 281 -0.63 -0.36 -2.82
CA SER A 281 0.51 -0.99 -3.51
C SER A 281 1.58 -1.46 -2.56
N PHE A 282 1.65 -0.89 -1.37
CA PHE A 282 2.69 -1.21 -0.39
C PHE A 282 4.10 -1.10 -0.97
N THR A 283 4.28 -0.12 -1.85
CA THR A 283 5.62 0.25 -2.33
C THR A 283 5.77 1.76 -2.31
N ASN A 284 6.77 2.25 -1.57
CA ASN A 284 7.13 3.66 -1.63
C ASN A 284 8.04 3.95 -2.83
N GLN A 285 7.62 4.92 -3.63
CA GLN A 285 8.27 5.21 -4.90
C GLN A 285 9.00 6.54 -4.86
N PRO A 286 10.21 6.60 -5.44
CA PRO A 286 10.93 7.86 -5.56
C PRO A 286 10.13 8.92 -6.32
N SER A 287 9.25 8.48 -7.20
CA SER A 287 8.52 9.40 -8.08
C SER A 287 7.16 8.80 -8.36
N TYR A 288 6.14 9.66 -8.46
CA TYR A 288 4.79 9.21 -8.77
C TYR A 288 4.25 9.88 -10.01
N SER A 289 5.11 10.00 -11.03
CA SER A 289 4.67 10.33 -12.37
C SER A 289 4.27 9.03 -13.08
N LEU A 290 3.39 9.14 -14.06
CA LEU A 290 2.90 7.96 -14.76
C LEU A 290 4.02 7.16 -15.44
N ASP A 291 5.02 7.86 -15.98
CA ASP A 291 6.16 7.21 -16.63
C ASP A 291 6.91 6.28 -15.68
N TYR A 292 7.28 6.84 -14.52
CA TYR A 292 8.06 6.13 -13.52
C TYR A 292 7.34 4.88 -13.03
N ILE A 293 6.06 5.05 -12.70
CA ILE A 293 5.23 3.94 -12.27
C ILE A 293 5.03 2.92 -13.39
N SER A 294 4.79 3.40 -14.62
CA SER A 294 4.60 2.49 -15.74
C SER A 294 5.83 1.65 -15.95
N GLU A 295 6.98 2.30 -16.04
CA GLU A 295 8.23 1.56 -16.17
C GLU A 295 8.38 0.57 -15.04
N PHE A 296 7.80 0.89 -13.89
CA PHE A 296 7.98 0.05 -12.72
C PHE A 296 7.03 -1.15 -12.75
N GLU A 297 5.76 -0.91 -13.02
CA GLU A 297 4.74 -1.93 -12.97
C GLU A 297 4.73 -2.81 -14.21
N LEU A 298 4.95 -2.19 -15.35
CA LEU A 298 4.69 -2.82 -16.63
C LEU A 298 5.94 -3.02 -17.46
N ASN A 299 7.09 -2.64 -16.88
CA ASN A 299 8.37 -2.56 -17.58
C ASN A 299 8.29 -2.09 -19.04
N VAL A 300 7.52 -1.02 -19.24
CA VAL A 300 7.37 -0.42 -20.56
C VAL A 300 8.43 0.64 -20.76
N GLY A 301 8.56 1.09 -22.02
CA GLY A 301 9.49 2.14 -22.40
C GLY A 301 9.12 3.52 -21.86
N LYS A 302 10.15 4.26 -21.45
CA LYS A 302 10.04 5.66 -21.03
C LYS A 302 9.51 6.47 -22.22
N LEU A 303 8.25 6.87 -22.13
CA LEU A 303 7.54 7.51 -23.24
C LEU A 303 8.25 8.78 -23.73
N LYS A 304 9.02 8.65 -24.81
CA LYS A 304 9.97 9.70 -25.22
C LYS A 304 9.53 10.60 -26.39
N TYR A 305 9.48 11.91 -26.15
CA TYR A 305 9.33 12.88 -27.23
C TYR A 305 10.58 13.76 -27.39
N ASP A 306 10.41 14.95 -27.95
CA ASP A 306 11.54 15.82 -28.25
C ASP A 306 11.19 17.28 -28.04
N GLY A 307 11.99 17.97 -27.24
CA GLY A 307 11.69 19.34 -26.79
C GLY A 307 10.89 19.30 -25.49
N PRO A 308 10.33 20.44 -25.08
CA PRO A 308 9.51 20.46 -23.86
C PRO A 308 8.09 20.02 -24.16
N ILE A 309 7.28 19.79 -23.13
CA ILE A 309 5.87 19.44 -23.33
C ILE A 309 5.08 20.58 -23.95
N SER A 310 5.35 21.81 -23.49
CA SER A 310 4.58 22.99 -23.86
C SER A 310 4.56 23.21 -25.36
N LYS A 311 5.69 22.93 -26.00
CA LYS A 311 5.84 23.12 -27.44
C LYS A 311 5.41 21.90 -28.26
N LEU A 312 5.18 20.77 -27.59
CA LEU A 312 4.93 19.51 -28.30
C LEU A 312 3.75 19.57 -29.26
N ARG A 313 2.65 20.17 -28.82
CA ARG A 313 1.46 20.26 -29.66
C ARG A 313 1.75 20.99 -30.97
N GLU A 314 2.36 22.17 -30.90
CA GLU A 314 2.76 22.92 -32.10
C GLU A 314 3.68 22.07 -32.93
N SER A 315 4.81 21.70 -32.32
CA SER A 315 5.90 21.02 -33.02
C SER A 315 5.52 19.64 -33.59
N ASN A 316 4.80 18.84 -32.80
CA ASN A 316 4.46 17.46 -33.19
C ASN A 316 3.12 16.93 -32.64
N HIS A 317 2.02 17.37 -33.26
CA HIS A 317 0.66 17.02 -32.84
C HIS A 317 0.32 15.50 -32.84
N GLN A 318 1.00 14.73 -33.67
CA GLN A 318 0.72 13.29 -33.80
C GLN A 318 1.19 12.48 -32.58
N ARG A 319 2.42 12.72 -32.13
CA ARG A 319 2.84 12.17 -30.84
C ARG A 319 1.94 12.73 -29.74
N TYR A 320 1.59 14.02 -29.82
CA TYR A 320 0.83 14.69 -28.78
C TYR A 320 -0.41 13.88 -28.36
N ILE A 321 -1.21 13.48 -29.34
CA ILE A 321 -2.47 12.78 -29.08
C ILE A 321 -2.29 11.33 -28.69
N SER A 322 -1.38 10.64 -29.35
CA SER A 322 -1.08 9.26 -29.01
C SER A 322 -0.56 9.15 -27.57
N TYR A 323 0.36 10.04 -27.23
CA TYR A 323 0.92 10.10 -25.90
C TYR A 323 -0.14 10.40 -24.84
N ASN A 324 -1.27 10.93 -25.28
CA ASN A 324 -2.42 11.12 -24.39
C ASN A 324 -3.27 9.86 -24.35
N ILE A 325 -3.39 9.20 -25.50
CA ILE A 325 -4.08 7.93 -25.59
C ILE A 325 -3.37 6.87 -24.74
N ILE A 326 -2.10 6.59 -25.05
CA ILE A 326 -1.31 5.59 -24.32
C ILE A 326 -1.31 5.84 -22.81
N ALA A 327 -1.19 7.11 -22.42
CA ALA A 327 -1.25 7.49 -21.02
C ALA A 327 -2.43 6.78 -20.37
N VAL A 328 -3.61 6.90 -20.97
CA VAL A 328 -4.81 6.30 -20.40
C VAL A 328 -4.73 4.77 -20.40
N TYR A 329 -4.19 4.21 -21.48
CA TYR A 329 -4.09 2.75 -21.60
C TYR A 329 -3.34 2.20 -20.41
N ARG A 330 -2.17 2.77 -20.13
CA ARG A 330 -1.34 2.20 -19.08
C ARG A 330 -1.92 2.28 -17.68
N VAL A 331 -2.78 3.27 -17.42
CA VAL A 331 -3.50 3.24 -16.15
C VAL A 331 -4.39 1.99 -16.09
N LEU A 332 -5.03 1.65 -17.20
CA LEU A 332 -5.79 0.41 -17.27
C LEU A 332 -4.88 -0.82 -17.23
N GLN A 333 -3.60 -0.65 -17.54
CA GLN A 333 -2.64 -1.75 -17.55
C GLN A 333 -2.11 -2.00 -16.16
N ILE A 334 -1.90 -0.93 -15.41
CA ILE A 334 -1.53 -1.05 -14.01
C ILE A 334 -2.70 -1.63 -13.25
N ASP A 335 -3.93 -1.25 -13.63
CA ASP A 335 -5.10 -1.86 -12.99
C ASP A 335 -5.32 -3.29 -13.41
N ALA A 336 -4.98 -3.63 -14.64
CA ALA A 336 -5.07 -5.02 -15.07
C ALA A 336 -4.19 -5.86 -14.18
N LYS A 337 -3.00 -5.36 -13.90
CA LYS A 337 -2.02 -6.07 -13.08
C LYS A 337 -2.41 -6.04 -11.63
N ARG A 338 -2.56 -4.84 -11.07
CA ARG A 338 -2.75 -4.64 -9.62
C ARG A 338 -4.18 -4.90 -9.14
N GLN A 339 -5.17 -4.53 -9.95
CA GLN A 339 -6.56 -4.82 -9.60
C GLN A 339 -7.05 -4.10 -8.32
N PHE A 340 -6.71 -2.82 -8.23
CA PHE A 340 -7.07 -2.01 -7.08
C PHE A 340 -8.54 -1.58 -7.13
N ILE A 341 -9.00 -1.12 -8.29
CA ILE A 341 -10.41 -0.76 -8.50
C ILE A 341 -11.34 -1.91 -8.12
N ASN A 342 -11.01 -3.13 -8.54
CA ASN A 342 -11.71 -4.33 -8.09
C ASN A 342 -11.79 -4.39 -6.56
N LEU A 343 -10.62 -4.41 -5.92
CA LEU A 343 -10.54 -4.43 -4.47
C LEU A 343 -11.42 -3.36 -3.85
N SER A 344 -11.34 -2.14 -4.38
CA SER A 344 -12.13 -1.04 -3.86
C SER A 344 -13.61 -1.44 -3.85
N LEU A 345 -14.10 -1.88 -5.01
CA LEU A 345 -15.47 -2.37 -5.14
C LEU A 345 -15.77 -3.50 -4.17
N ASP A 346 -14.86 -4.46 -4.05
CA ASP A 346 -15.05 -5.61 -3.15
C ASP A 346 -15.30 -5.16 -1.73
N MET A 347 -14.58 -4.13 -1.32
CA MET A 347 -14.51 -3.71 0.05
C MET A 347 -15.69 -2.80 0.39
N GLY A 348 -15.96 -1.85 -0.52
CA GLY A 348 -17.06 -0.92 -0.37
C GLY A 348 -18.37 -1.64 -0.25
N TYR A 349 -18.62 -2.57 -1.18
CA TYR A 349 -19.85 -3.36 -1.14
C TYR A 349 -19.96 -4.30 0.06
N TYR A 350 -18.84 -4.86 0.50
CA TYR A 350 -18.86 -5.71 1.71
C TYR A 350 -19.36 -4.92 2.90
N ALA A 351 -18.90 -3.67 2.99
CA ALA A 351 -19.24 -2.79 4.10
C ALA A 351 -20.56 -2.04 3.90
N LYS A 352 -21.04 -2.00 2.65
CA LYS A 352 -22.21 -1.18 2.28
C LYS A 352 -21.94 0.32 2.46
N ILE A 353 -20.75 0.76 2.06
CA ILE A 353 -20.36 2.16 2.14
C ILE A 353 -20.33 2.80 0.75
N GLN A 354 -20.13 4.12 0.70
CA GLN A 354 -19.74 4.78 -0.53
C GLN A 354 -18.41 4.17 -0.98
N ILE A 355 -18.19 4.03 -2.28
CA ILE A 355 -16.97 3.35 -2.71
C ILE A 355 -15.74 4.18 -2.37
N GLN A 356 -15.86 5.51 -2.38
CA GLN A 356 -14.70 6.35 -2.07
C GLN A 356 -14.36 6.38 -0.58
N SER A 357 -15.17 5.68 0.22
CA SER A 357 -14.95 5.58 1.66
C SER A 357 -13.97 4.47 2.00
N VAL A 358 -13.55 3.71 1.01
CA VAL A 358 -12.56 2.68 1.28
C VAL A 358 -11.25 3.27 1.81
N PHE A 359 -10.88 4.48 1.36
CA PHE A 359 -9.65 5.13 1.82
C PHE A 359 -9.66 5.38 3.33
N SER A 360 -10.87 5.41 3.92
CA SER A 360 -11.07 5.57 5.36
C SER A 360 -11.42 4.25 6.03
N PRO A 361 -10.51 3.74 6.89
CA PRO A 361 -10.75 2.55 7.69
C PRO A 361 -11.81 2.77 8.77
N ILE A 362 -11.78 3.96 9.37
CA ILE A 362 -12.74 4.35 10.40
C ILE A 362 -14.16 4.28 9.85
N LYS A 363 -14.39 4.89 8.68
CA LYS A 363 -15.68 4.78 8.01
C LYS A 363 -16.04 3.33 7.74
N THR A 364 -15.08 2.59 7.17
CA THR A 364 -15.32 1.22 6.72
C THR A 364 -15.84 0.39 7.88
N TRP A 365 -15.08 0.35 8.98
CA TRP A 365 -15.42 -0.49 10.12
C TRP A 365 -16.66 -0.02 10.83
N ASP A 366 -16.87 1.30 10.84
CA ASP A 366 -18.07 1.86 11.45
C ASP A 366 -19.29 1.24 10.80
N ALA A 367 -19.25 1.11 9.48
CA ALA A 367 -20.39 0.61 8.74
C ALA A 367 -20.49 -0.91 8.76
N ILE A 368 -19.35 -1.59 8.94
CA ILE A 368 -19.35 -3.05 9.03
C ILE A 368 -19.98 -3.47 10.34
N ILE A 369 -19.59 -2.79 11.42
CA ILE A 369 -20.07 -3.09 12.77
C ILE A 369 -21.55 -2.73 12.84
N PHE A 370 -21.89 -1.61 12.21
CA PHE A 370 -23.24 -1.11 12.23
C PHE A 370 -24.17 -2.15 11.64
N ASN A 371 -23.85 -2.53 10.40
CA ASN A 371 -24.65 -3.48 9.67
C ASN A 371 -24.79 -4.80 10.39
N SER A 372 -23.74 -5.16 11.15
CA SER A 372 -23.77 -6.36 11.98
C SER A 372 -24.80 -6.25 13.09
N LEU A 373 -24.88 -5.07 13.72
CA LEU A 373 -25.76 -4.85 14.87
C LEU A 373 -27.22 -4.72 14.47
N LYS A 374 -27.47 -3.93 13.43
CA LYS A 374 -28.80 -3.83 12.83
C LYS A 374 -29.43 -5.23 12.70
N GLU A 375 -28.67 -6.18 12.15
CA GLU A 375 -29.14 -7.56 11.97
C GLU A 375 -29.64 -8.20 13.28
N GLN A 376 -28.98 -7.90 14.39
CA GLN A 376 -29.37 -8.44 15.69
C GLN A 376 -30.32 -7.53 16.47
N ASN A 377 -30.92 -6.58 15.77
CA ASN A 377 -31.80 -5.55 16.34
C ASN A 377 -31.16 -4.82 17.52
N LYS A 378 -29.96 -4.31 17.28
CA LYS A 378 -29.19 -3.60 18.28
C LYS A 378 -28.86 -2.18 17.84
N VAL A 379 -28.52 -1.34 18.80
CA VAL A 379 -28.32 0.08 18.53
C VAL A 379 -26.90 0.45 18.89
N ILE A 380 -26.26 1.15 17.96
CA ILE A 380 -24.89 1.62 18.14
C ILE A 380 -24.91 2.85 19.05
N PRO A 381 -23.83 3.07 19.80
CA PRO A 381 -23.79 4.21 20.72
C PRO A 381 -23.45 5.49 19.98
N GLN A 382 -23.42 6.62 20.67
CA GLN A 382 -23.19 7.89 19.99
C GLN A 382 -21.71 8.17 19.77
N GLY A 383 -21.44 9.13 18.88
CA GLY A 383 -20.08 9.62 18.63
C GLY A 383 -19.66 10.53 19.76
N ARG A 384 -18.36 10.53 20.06
CA ARG A 384 -17.85 11.30 21.18
C ARG A 384 -16.47 11.94 20.96
N SER A 385 -16.31 13.15 21.49
CA SER A 385 -15.05 13.89 21.39
C SER A 385 -14.12 13.54 22.53
N HIS A 386 -12.95 13.02 22.17
CA HIS A 386 -11.95 12.58 23.12
C HIS A 386 -10.63 13.31 22.91
N PRO A 387 -9.92 13.62 24.01
CA PRO A 387 -8.57 14.14 23.91
C PRO A 387 -7.62 13.04 23.47
N VAL A 388 -6.66 13.39 22.61
CA VAL A 388 -5.75 12.42 22.01
C VAL A 388 -4.71 12.03 23.02
N GLN A 389 -4.71 10.75 23.39
CA GLN A 389 -3.86 10.28 24.47
C GLN A 389 -3.00 9.16 23.92
N PRO A 390 -1.67 9.33 23.99
CA PRO A 390 -0.77 8.33 23.46
C PRO A 390 -0.64 7.15 24.40
N TYR A 391 -0.57 5.95 23.85
CA TYR A 391 -0.53 4.73 24.64
C TYR A 391 0.58 3.78 24.11
N PRO A 392 0.91 2.71 24.88
CA PRO A 392 2.01 1.82 24.50
C PRO A 392 1.66 0.87 23.36
N GLY A 393 2.69 0.44 22.63
CA GLY A 393 2.50 -0.45 21.50
C GLY A 393 3.21 -1.77 21.72
N ALA A 394 3.85 -2.26 20.66
CA ALA A 394 4.49 -3.57 20.64
C ALA A 394 5.85 -3.53 21.30
N PHE A 395 6.43 -4.71 21.49
CA PHE A 395 7.73 -4.88 22.11
C PHE A 395 8.72 -5.38 21.07
N VAL A 396 9.83 -4.66 20.92
CA VAL A 396 10.91 -5.07 20.01
C VAL A 396 12.13 -5.51 20.82
N LYS A 397 12.67 -6.68 20.49
CA LYS A 397 13.83 -7.20 21.20
C LYS A 397 15.08 -6.38 20.87
N GLU A 398 15.99 -6.26 21.82
CA GLU A 398 17.28 -5.65 21.56
C GLU A 398 18.28 -6.75 21.20
N PRO A 399 18.59 -6.85 19.90
CA PRO A 399 19.46 -7.89 19.37
C PRO A 399 20.93 -7.51 19.43
N ILE A 400 21.78 -8.46 19.80
CA ILE A 400 23.22 -8.23 19.81
C ILE A 400 23.73 -8.11 18.37
N PRO A 401 24.27 -6.93 18.01
CA PRO A 401 24.81 -6.69 16.67
C PRO A 401 25.87 -7.73 16.29
N ASN A 402 25.54 -8.57 15.32
CA ASN A 402 26.37 -9.72 14.99
C ASN A 402 25.94 -10.42 13.70
N ARG A 403 26.84 -11.24 13.17
CA ARG A 403 26.52 -12.18 12.11
C ARG A 403 25.75 -13.33 12.72
N TYR A 404 24.93 -13.99 11.91
CA TYR A 404 24.18 -15.16 12.32
C TYR A 404 24.07 -16.11 11.13
N LYS A 405 24.61 -17.32 11.29
CA LYS A 405 24.79 -18.25 10.17
C LYS A 405 23.51 -18.94 9.74
N TYR A 406 23.14 -19.99 10.45
CA TYR A 406 21.89 -20.70 10.17
C TYR A 406 20.77 -20.07 11.01
N VAL A 407 19.72 -19.62 10.33
CA VAL A 407 18.60 -18.97 11.02
C VAL A 407 17.26 -19.49 10.48
N MET A 408 16.29 -19.55 11.37
CA MET A 408 14.93 -19.95 11.04
C MET A 408 13.96 -19.03 11.78
N SER A 409 12.93 -18.56 11.09
CA SER A 409 12.02 -17.58 11.65
C SER A 409 10.58 -18.07 11.73
N PHE A 410 9.90 -17.64 12.78
CA PHE A 410 8.48 -17.93 12.98
C PHE A 410 7.68 -16.64 13.20
N ASP A 411 6.38 -16.71 12.91
CA ASP A 411 5.52 -15.52 12.93
C ASP A 411 4.08 -15.85 13.25
N LEU A 412 3.43 -14.96 13.98
CA LEU A 412 2.04 -15.13 14.40
C LEU A 412 1.05 -14.69 13.32
N THR A 413 0.17 -15.62 12.94
CA THR A 413 -0.87 -15.34 11.96
C THR A 413 -1.84 -14.33 12.52
N SER A 414 -1.75 -13.10 12.01
CA SER A 414 -2.60 -11.97 12.41
C SER A 414 -2.69 -11.86 13.90
N LEU A 415 -1.57 -11.47 14.52
CA LEU A 415 -1.47 -11.47 15.97
C LEU A 415 -2.55 -10.64 16.61
N TYR A 416 -2.57 -9.34 16.29
CA TYR A 416 -3.49 -8.43 16.89
C TYR A 416 -4.94 -8.88 16.66
N PRO A 417 -5.38 -9.02 15.40
CA PRO A 417 -6.76 -9.47 15.25
C PRO A 417 -7.07 -10.79 15.95
N SER A 418 -6.10 -11.70 16.00
CA SER A 418 -6.25 -12.96 16.74
C SER A 418 -6.46 -12.72 18.22
N ILE A 419 -5.72 -11.77 18.80
CA ILE A 419 -5.84 -11.45 20.21
C ILE A 419 -7.24 -10.95 20.57
N ILE A 420 -7.80 -10.08 19.71
CA ILE A 420 -9.20 -9.67 19.84
C ILE A 420 -10.08 -10.92 19.92
N ARG A 421 -9.85 -11.86 19.01
CA ARG A 421 -10.61 -13.11 18.97
C ARG A 421 -10.31 -14.03 20.16
N GLN A 422 -9.04 -14.12 20.55
CA GLN A 422 -8.60 -15.03 21.60
C GLN A 422 -9.16 -14.63 22.95
N VAL A 423 -9.08 -13.34 23.25
CA VAL A 423 -9.45 -12.81 24.55
C VAL A 423 -10.91 -12.35 24.55
N ASN A 424 -11.43 -12.03 23.37
CA ASN A 424 -12.82 -11.55 23.20
C ASN A 424 -12.96 -10.07 23.51
N ILE A 425 -12.13 -9.25 22.87
CA ILE A 425 -12.14 -7.80 23.11
C ILE A 425 -13.09 -7.09 22.16
N SER A 426 -14.09 -6.43 22.74
CA SER A 426 -15.10 -5.70 21.98
C SER A 426 -15.61 -4.63 22.93
N PRO A 427 -16.31 -3.59 22.41
CA PRO A 427 -16.77 -2.52 23.29
C PRO A 427 -17.75 -2.97 24.36
N GLU A 428 -18.54 -4.00 24.05
CA GLU A 428 -19.69 -4.39 24.88
C GLU A 428 -19.42 -5.66 25.66
N THR A 429 -18.22 -6.19 25.48
CA THR A 429 -17.85 -7.50 25.97
C THR A 429 -17.03 -7.37 27.27
N ILE A 430 -16.80 -6.14 27.68
CA ILE A 430 -15.96 -5.82 28.84
C ILE A 430 -16.63 -6.25 30.14
N ALA A 431 -15.85 -6.88 31.01
CA ALA A 431 -16.38 -7.51 32.19
C ALA A 431 -15.93 -6.84 33.49
N GLY A 432 -14.76 -6.20 33.46
CA GLY A 432 -14.18 -5.57 34.66
C GLY A 432 -12.67 -5.56 34.66
N THR A 433 -12.07 -5.21 35.80
CA THR A 433 -10.61 -5.08 35.92
C THR A 433 -10.07 -5.75 37.16
N PHE A 434 -8.79 -6.13 37.12
CA PHE A 434 -8.12 -6.76 38.26
C PHE A 434 -6.79 -6.12 38.57
N LYS A 435 -6.31 -6.34 39.79
CA LYS A 435 -5.03 -5.85 40.27
C LYS A 435 -3.92 -6.43 39.41
N VAL A 436 -3.24 -5.55 38.68
CA VAL A 436 -2.26 -5.97 37.70
C VAL A 436 -0.84 -6.01 38.28
N ALA A 437 -0.18 -7.16 38.11
CA ALA A 437 1.25 -7.30 38.41
C ALA A 437 2.08 -6.67 37.28
N PRO A 438 3.39 -6.47 37.50
CA PRO A 438 4.25 -6.07 36.37
C PRO A 438 4.26 -7.14 35.26
N LEU A 439 4.41 -6.70 34.01
CA LEU A 439 4.17 -7.54 32.82
C LEU A 439 5.12 -8.73 32.74
N HIS A 440 6.39 -8.48 33.04
CA HIS A 440 7.43 -9.50 33.18
C HIS A 440 7.00 -10.67 34.07
N ASP A 441 6.20 -10.39 35.10
CA ASP A 441 5.70 -11.43 36.01
C ASP A 441 4.74 -12.40 35.34
N TYR A 442 3.94 -11.89 34.40
CA TYR A 442 3.04 -12.72 33.62
C TYR A 442 3.78 -13.48 32.52
N ILE A 443 4.92 -12.97 32.08
CA ILE A 443 5.72 -13.69 31.10
C ILE A 443 6.27 -14.97 31.73
N ASN A 444 6.76 -14.87 32.96
CA ASN A 444 7.36 -16.01 33.65
C ASN A 444 6.32 -16.90 34.35
N ALA A 445 5.06 -16.46 34.34
CA ALA A 445 3.96 -17.15 35.03
C ALA A 445 4.09 -17.14 36.56
N VAL A 446 5.03 -16.37 37.07
CA VAL A 446 5.28 -16.25 38.50
C VAL A 446 4.10 -15.57 39.21
N ALA A 447 3.62 -14.48 38.62
CA ALA A 447 2.44 -13.75 39.10
C ALA A 447 1.18 -14.62 39.07
N GLU A 448 0.19 -14.26 39.90
CA GLU A 448 -1.00 -15.10 40.07
C GLU A 448 -1.93 -15.05 38.86
N ARG A 449 -2.80 -16.05 38.76
CA ARG A 449 -3.80 -16.14 37.69
C ARG A 449 -4.79 -14.98 37.85
N PRO A 450 -5.07 -14.26 36.75
CA PRO A 450 -5.87 -13.04 36.78
C PRO A 450 -7.29 -13.23 37.32
N SER A 451 -8.09 -14.02 36.60
CA SER A 451 -9.46 -14.31 36.99
C SER A 451 -9.82 -15.74 36.63
N ASP A 452 -10.60 -16.37 37.51
CA ASP A 452 -11.02 -17.74 37.32
C ASP A 452 -12.12 -17.85 36.24
N VAL A 453 -12.91 -16.79 36.10
CA VAL A 453 -14.15 -16.84 35.30
C VAL A 453 -14.13 -16.04 34.00
N TYR A 454 -13.42 -14.91 34.00
CA TYR A 454 -13.39 -14.08 32.80
C TYR A 454 -12.11 -14.27 31.99
N SER A 455 -12.12 -13.71 30.78
CA SER A 455 -11.00 -13.79 29.86
C SER A 455 -10.16 -12.53 30.01
N CYS A 456 -8.86 -12.69 30.25
CA CYS A 456 -8.06 -11.58 30.73
C CYS A 456 -6.86 -11.17 29.89
N SER A 457 -6.60 -9.87 29.86
CA SER A 457 -5.39 -9.30 29.27
C SER A 457 -4.50 -8.74 30.38
N PRO A 458 -3.16 -8.82 30.21
CA PRO A 458 -2.21 -8.48 31.26
C PRO A 458 -2.08 -6.98 31.53
N ASN A 459 -2.97 -6.19 30.91
CA ASN A 459 -3.12 -4.78 31.23
C ASN A 459 -4.22 -4.57 32.28
N GLY A 460 -4.65 -5.68 32.90
CA GLY A 460 -5.69 -5.65 33.91
C GLY A 460 -7.10 -5.53 33.36
N MET A 461 -7.40 -6.17 32.24
CA MET A 461 -8.75 -6.15 31.70
C MET A 461 -9.40 -7.53 31.71
N MET A 462 -10.69 -7.56 32.02
CA MET A 462 -11.49 -8.79 32.03
C MET A 462 -12.59 -8.68 30.99
N TYR A 463 -12.91 -9.80 30.35
CA TYR A 463 -13.88 -9.81 29.26
C TYR A 463 -14.76 -11.01 29.39
N TYR A 464 -15.99 -10.92 28.88
CA TYR A 464 -16.92 -12.06 28.90
C TYR A 464 -16.46 -13.17 27.95
N LYS A 465 -16.98 -14.38 28.14
CA LYS A 465 -16.56 -15.56 27.37
C LYS A 465 -17.76 -16.28 26.78
N ASP A 466 -18.89 -16.18 27.48
CA ASP A 466 -20.15 -16.77 27.07
C ASP A 466 -20.78 -15.95 25.95
N ARG A 467 -20.51 -14.64 25.98
CA ARG A 467 -21.01 -13.72 24.96
C ARG A 467 -19.99 -13.62 23.83
N ASP A 468 -20.48 -13.60 22.60
CA ASP A 468 -19.62 -13.29 21.45
C ASP A 468 -19.72 -11.78 21.23
N GLY A 469 -18.58 -11.10 21.29
CA GLY A 469 -18.52 -9.66 20.98
C GLY A 469 -18.71 -9.38 19.50
N VAL A 470 -18.90 -8.11 19.15
CA VAL A 470 -19.13 -7.71 17.74
C VAL A 470 -17.83 -7.66 16.93
N VAL A 471 -16.83 -7.02 17.52
CA VAL A 471 -15.54 -6.85 16.89
C VAL A 471 -14.87 -8.19 16.64
N PRO A 472 -14.77 -9.07 17.66
CA PRO A 472 -14.21 -10.36 17.31
C PRO A 472 -15.04 -11.06 16.25
N THR A 473 -16.36 -10.92 16.34
CA THR A 473 -17.26 -11.58 15.39
C THR A 473 -16.98 -11.12 13.96
N GLU A 474 -16.83 -9.81 13.79
CA GLU A 474 -16.70 -9.21 12.47
C GLU A 474 -15.29 -9.27 11.94
N ILE A 475 -14.31 -9.31 12.85
CA ILE A 475 -12.91 -9.43 12.45
C ILE A 475 -12.56 -10.82 11.93
N THR A 476 -13.25 -11.83 12.45
CA THR A 476 -13.05 -13.21 12.06
C THR A 476 -13.49 -13.39 10.61
N LYS A 477 -14.56 -12.68 10.25
CA LYS A 477 -15.19 -12.79 8.93
C LYS A 477 -14.28 -12.27 7.83
N VAL A 478 -13.54 -11.20 8.15
CA VAL A 478 -12.61 -10.61 7.19
C VAL A 478 -11.25 -11.29 7.26
N PHE A 479 -10.88 -11.79 8.45
CA PHE A 479 -9.66 -12.59 8.54
C PHE A 479 -9.72 -13.75 7.57
N ASN A 480 -10.84 -14.49 7.59
CA ASN A 480 -11.02 -15.64 6.71
C ASN A 480 -10.76 -15.28 5.24
N GLN A 481 -11.31 -14.15 4.79
CA GLN A 481 -11.07 -13.66 3.43
C GLN A 481 -9.59 -13.59 3.12
N ARG A 482 -8.80 -13.06 4.06
CA ARG A 482 -7.34 -13.03 3.91
C ARG A 482 -6.74 -14.44 3.88
N LYS A 483 -6.96 -15.20 4.97
CA LYS A 483 -6.49 -16.58 5.08
C LYS A 483 -6.59 -17.37 3.76
N GLU A 484 -7.68 -17.15 3.03
CA GLU A 484 -7.94 -17.85 1.77
C GLU A 484 -7.23 -17.23 0.57
N HIS A 485 -7.26 -15.90 0.46
CA HIS A 485 -6.52 -15.18 -0.58
C HIS A 485 -5.01 -15.30 -0.36
N LYS A 486 -4.61 -15.44 0.89
CA LYS A 486 -3.21 -15.74 1.23
C LYS A 486 -2.82 -17.14 0.73
N GLY A 487 -3.79 -18.05 0.74
CA GLY A 487 -3.58 -19.40 0.24
C GLY A 487 -3.35 -19.47 -1.26
N TYR A 488 -4.05 -18.62 -2.02
CA TYR A 488 -3.91 -18.58 -3.48
C TYR A 488 -2.68 -17.82 -3.91
N MET A 489 -2.15 -16.97 -3.04
CA MET A 489 -0.95 -16.22 -3.35
C MET A 489 0.25 -17.14 -3.21
N LEU A 490 0.31 -17.86 -2.08
CA LEU A 490 1.45 -18.72 -1.78
C LEU A 490 1.53 -19.90 -2.74
N ALA A 491 0.36 -20.34 -3.20
CA ALA A 491 0.23 -21.39 -4.21
C ALA A 491 0.69 -20.88 -5.58
N ALA A 492 0.31 -19.65 -5.89
CA ALA A 492 0.72 -18.98 -7.14
C ALA A 492 2.21 -18.73 -7.16
N GLN A 493 2.78 -18.54 -5.97
CA GLN A 493 4.21 -18.39 -5.78
C GLN A 493 4.91 -19.75 -5.89
N ARG A 494 4.41 -20.73 -5.14
CA ARG A 494 4.86 -22.14 -5.22
C ARG A 494 5.00 -22.60 -6.66
N ASN A 495 4.01 -22.24 -7.48
CA ASN A 495 4.00 -22.58 -8.89
C ASN A 495 5.12 -21.88 -9.65
N GLY A 496 5.43 -20.65 -9.21
CA GLY A 496 6.58 -19.91 -9.75
C GLY A 496 7.85 -20.73 -9.71
N GLU A 497 8.10 -21.38 -8.57
CA GLU A 497 9.38 -22.04 -8.33
C GLU A 497 9.47 -23.44 -8.94
N ILE A 498 8.41 -23.87 -9.62
CA ILE A 498 8.52 -24.98 -10.57
C ILE A 498 8.90 -24.39 -11.93
N ILE A 499 8.08 -23.48 -12.44
CA ILE A 499 8.32 -22.87 -13.75
C ILE A 499 9.75 -22.33 -13.84
N LYS A 500 10.26 -21.77 -12.75
CA LYS A 500 11.64 -21.29 -12.71
C LYS A 500 12.64 -22.44 -12.72
N GLU A 501 12.31 -23.50 -12.00
CA GLU A 501 13.07 -24.75 -11.97
C GLU A 501 13.10 -25.40 -13.36
N ALA A 502 12.04 -25.18 -14.14
CA ALA A 502 11.92 -25.66 -15.51
C ALA A 502 12.84 -24.89 -16.45
N LEU A 503 12.90 -23.57 -16.25
CA LEU A 503 13.69 -22.68 -17.10
C LEU A 503 15.20 -22.89 -16.99
N HIS A 504 15.61 -23.73 -16.05
CA HIS A 504 16.99 -24.21 -15.97
C HIS A 504 17.36 -25.16 -17.10
N ASN A 505 16.52 -26.16 -17.36
CA ASN A 505 16.77 -27.11 -18.46
C ASN A 505 15.57 -27.29 -19.41
N PRO A 506 15.25 -26.23 -20.20
CA PRO A 506 14.04 -26.21 -21.00
C PRO A 506 14.12 -27.06 -22.27
N ASN A 507 13.00 -27.07 -23.01
CA ASN A 507 12.87 -27.75 -24.28
C ASN A 507 12.61 -26.71 -25.37
N LEU A 508 12.58 -27.14 -26.63
CA LEU A 508 12.15 -26.28 -27.74
C LEU A 508 11.12 -26.96 -28.63
N SER A 509 9.90 -26.42 -28.61
CA SER A 509 8.83 -26.84 -29.50
C SER A 509 7.93 -25.65 -29.83
N VAL A 510 6.99 -25.89 -30.74
CA VAL A 510 6.00 -24.88 -31.11
C VAL A 510 4.66 -25.13 -30.40
N ASP A 511 4.75 -25.44 -29.10
CA ASP A 511 3.58 -25.62 -28.25
C ASP A 511 3.08 -24.28 -27.77
N GLU A 512 1.84 -24.26 -27.27
CA GLU A 512 1.24 -23.09 -26.62
C GLU A 512 1.17 -23.27 -25.09
N PRO A 513 1.20 -22.16 -24.33
CA PRO A 513 1.13 -22.19 -22.86
C PRO A 513 -0.08 -22.98 -22.31
N LEU A 514 0.16 -23.85 -21.35
CA LEU A 514 -0.88 -24.77 -20.84
C LEU A 514 -1.93 -24.09 -19.97
N ASP A 515 -3.20 -24.45 -20.20
CA ASP A 515 -4.33 -23.83 -19.51
C ASP A 515 -4.62 -24.49 -18.16
N VAL A 516 -4.19 -23.82 -17.09
CA VAL A 516 -4.49 -24.20 -15.70
C VAL A 516 -4.63 -22.93 -14.85
N ASP A 517 -5.53 -22.97 -13.86
CA ASP A 517 -5.71 -21.90 -12.88
C ASP A 517 -4.61 -21.98 -11.83
N TYR A 518 -3.83 -20.90 -11.71
CA TYR A 518 -2.60 -20.88 -10.90
C TYR A 518 -2.80 -20.73 -9.40
N ARG A 519 -4.05 -20.55 -8.98
CA ARG A 519 -4.41 -20.36 -7.57
C ARG A 519 -4.23 -21.62 -6.70
N PHE A 520 -3.84 -22.72 -7.33
CA PHE A 520 -3.75 -24.03 -6.65
C PHE A 520 -2.48 -24.80 -6.99
N ASP A 521 -1.95 -25.55 -6.01
CA ASP A 521 -0.75 -26.37 -6.17
C ASP A 521 -0.75 -27.28 -7.41
N PHE A 522 0.14 -26.99 -8.37
CA PHE A 522 0.30 -27.84 -9.55
C PHE A 522 0.38 -29.32 -9.15
N SER A 523 -0.44 -30.16 -9.79
CA SER A 523 -0.48 -31.58 -9.47
C SER A 523 0.55 -32.41 -10.27
N ASP A 524 0.71 -33.68 -9.90
CA ASP A 524 1.68 -34.57 -10.53
C ASP A 524 1.59 -34.59 -12.06
N GLU A 525 0.37 -34.73 -12.57
CA GLU A 525 0.09 -34.75 -14.01
C GLU A 525 0.62 -33.53 -14.77
N ILE A 526 0.34 -32.34 -14.22
CA ILE A 526 0.73 -31.08 -14.87
C ILE A 526 2.25 -30.86 -14.84
N LYS A 527 2.86 -31.04 -13.68
CA LYS A 527 4.32 -30.85 -13.48
C LYS A 527 5.22 -31.56 -14.51
N GLU A 528 4.84 -32.77 -14.92
CA GLU A 528 5.68 -33.53 -15.83
C GLU A 528 5.55 -33.09 -17.30
N LYS A 529 4.43 -32.44 -17.63
CA LYS A 529 4.26 -31.79 -18.94
C LYS A 529 5.16 -30.56 -19.05
N ILE A 530 5.43 -29.95 -17.90
CA ILE A 530 6.29 -28.77 -17.79
C ILE A 530 7.74 -29.07 -18.17
N LYS A 531 8.20 -30.27 -17.80
CA LYS A 531 9.57 -30.75 -18.11
C LYS A 531 9.85 -30.94 -19.61
N LYS A 532 8.79 -30.83 -20.42
CA LYS A 532 8.89 -31.01 -21.86
C LYS A 532 8.44 -29.76 -22.64
N LEU A 533 7.76 -28.83 -21.97
CA LEU A 533 7.24 -27.63 -22.62
C LEU A 533 8.35 -26.63 -22.99
N SER A 534 8.15 -25.92 -24.09
CA SER A 534 9.15 -25.01 -24.65
C SER A 534 9.41 -23.83 -23.75
N ALA A 535 10.64 -23.29 -23.82
CA ALA A 535 11.05 -22.13 -23.03
C ALA A 535 10.20 -20.89 -23.31
N LYS A 536 9.86 -20.68 -24.58
CA LYS A 536 9.05 -19.54 -25.00
C LYS A 536 7.72 -19.56 -24.26
N SER A 537 6.95 -20.62 -24.47
CA SER A 537 5.64 -20.79 -23.83
C SER A 537 5.73 -20.90 -22.30
N LEU A 538 6.79 -21.57 -21.81
CA LEU A 538 7.07 -21.67 -20.37
C LEU A 538 7.25 -20.31 -19.72
N ASN A 539 7.96 -19.41 -20.40
CA ASN A 539 8.13 -18.02 -19.98
C ASN A 539 6.78 -17.32 -19.88
N GLU A 540 5.92 -17.58 -20.85
CA GLU A 540 4.59 -17.00 -20.90
C GLU A 540 3.67 -17.63 -19.84
N MET A 541 4.20 -18.59 -19.09
CA MET A 541 3.50 -19.17 -17.94
C MET A 541 3.92 -18.54 -16.61
N LEU A 542 5.23 -18.39 -16.42
CA LEU A 542 5.76 -17.70 -15.25
C LEU A 542 5.12 -16.33 -15.16
N PHE A 543 5.09 -15.61 -16.28
CA PHE A 543 4.44 -14.29 -16.33
C PHE A 543 3.04 -14.39 -15.75
N ARG A 544 2.27 -15.36 -16.24
CA ARG A 544 0.89 -15.52 -15.82
C ARG A 544 0.73 -15.91 -14.34
N ALA A 545 1.64 -16.77 -13.88
CA ALA A 545 1.68 -17.21 -12.49
C ALA A 545 2.02 -16.03 -11.58
N GLN A 546 2.96 -15.21 -12.05
CA GLN A 546 3.36 -14.02 -11.32
C GLN A 546 2.23 -12.99 -11.27
N ARG A 547 1.44 -12.92 -12.36
CA ARG A 547 0.34 -11.97 -12.44
C ARG A 547 -0.84 -12.37 -11.53
N THR A 548 -0.93 -13.68 -11.28
CA THR A 548 -1.93 -14.26 -10.38
C THR A 548 -1.50 -14.02 -8.93
N GLU A 549 -0.20 -14.19 -8.68
CA GLU A 549 0.40 -13.92 -7.37
C GLU A 549 0.23 -12.45 -6.94
N VAL A 550 0.49 -11.53 -7.86
CA VAL A 550 0.30 -10.10 -7.61
C VAL A 550 -1.16 -9.80 -7.32
N ALA A 551 -2.07 -10.49 -8.03
CA ALA A 551 -3.49 -10.44 -7.69
C ALA A 551 -3.72 -11.01 -6.30
N GLY A 552 -2.93 -12.03 -5.94
CA GLY A 552 -2.93 -12.62 -4.61
C GLY A 552 -2.57 -11.62 -3.53
N MET A 553 -1.39 -10.99 -3.67
CA MET A 553 -0.97 -9.89 -2.81
C MET A 553 -2.14 -8.95 -2.53
N THR A 554 -2.67 -8.39 -3.61
CA THR A 554 -3.67 -7.32 -3.53
C THR A 554 -4.83 -7.65 -2.60
N ALA A 555 -5.46 -8.80 -2.79
CA ALA A 555 -6.62 -9.19 -1.98
C ALA A 555 -6.25 -9.52 -0.53
N GLN A 556 -5.11 -10.18 -0.35
CA GLN A 556 -4.70 -10.62 0.99
C GLN A 556 -4.14 -9.49 1.85
N ILE A 557 -3.11 -8.79 1.34
CA ILE A 557 -2.35 -7.82 2.13
C ILE A 557 -3.27 -6.70 2.56
N ASN A 558 -4.19 -6.34 1.66
CA ASN A 558 -5.09 -5.23 1.90
C ASN A 558 -6.27 -5.58 2.83
N ARG A 559 -6.57 -6.87 2.95
CA ARG A 559 -7.55 -7.33 3.94
C ARG A 559 -6.86 -7.48 5.27
N LYS A 560 -5.62 -7.95 5.24
CA LYS A 560 -4.74 -7.87 6.41
C LYS A 560 -4.67 -6.43 6.88
N ALA A 561 -4.47 -5.50 5.96
CA ALA A 561 -4.50 -4.09 6.30
C ALA A 561 -5.79 -3.72 7.06
N LEU A 562 -6.92 -4.28 6.66
CA LEU A 562 -8.18 -3.89 7.25
C LEU A 562 -8.33 -4.36 8.69
N ILE A 563 -7.98 -5.63 8.91
CA ILE A 563 -8.08 -6.24 10.23
C ILE A 563 -7.22 -5.50 11.25
N ASN A 564 -5.96 -5.21 10.92
CA ASN A 564 -5.08 -4.44 11.80
C ASN A 564 -5.59 -3.01 12.01
N SER A 565 -6.16 -2.43 10.95
CA SER A 565 -6.77 -1.11 10.99
C SER A 565 -7.95 -1.05 11.95
N LEU A 566 -8.59 -2.19 12.23
CA LEU A 566 -9.60 -2.24 13.28
C LEU A 566 -8.96 -2.03 14.64
N TYR A 567 -7.77 -2.58 14.87
CA TYR A 567 -7.06 -2.30 16.10
C TYR A 567 -6.74 -0.79 16.19
N GLY A 568 -6.22 -0.21 15.11
CA GLY A 568 -5.85 1.19 15.10
C GLY A 568 -7.05 2.06 15.36
N ALA A 569 -8.21 1.58 14.92
CA ALA A 569 -9.48 2.26 15.12
C ALA A 569 -9.80 2.35 16.61
N LEU A 570 -9.56 1.25 17.34
CA LEU A 570 -9.82 1.23 18.78
C LEU A 570 -8.99 2.26 19.52
N GLY A 571 -8.11 2.93 18.78
CA GLY A 571 -7.24 3.96 19.32
C GLY A 571 -7.40 5.30 18.65
N ASN A 572 -8.49 5.46 17.90
CA ASN A 572 -8.71 6.68 17.12
C ASN A 572 -9.85 7.53 17.67
N VAL A 573 -9.51 8.72 18.13
CA VAL A 573 -10.47 9.58 18.84
C VAL A 573 -11.77 9.81 18.06
N TRP A 574 -11.71 9.61 16.75
CA TRP A 574 -12.86 9.81 15.88
C TRP A 574 -13.68 8.55 15.65
N PHE A 575 -13.15 7.41 16.09
CA PHE A 575 -13.78 6.11 15.87
C PHE A 575 -14.90 5.94 16.85
N ARG A 576 -16.04 5.43 16.39
CA ARG A 576 -17.19 5.26 17.28
C ARG A 576 -16.92 4.36 18.48
N TYR A 577 -16.01 3.41 18.35
CA TYR A 577 -15.75 2.46 19.42
C TYR A 577 -14.37 2.65 20.06
N TYR A 578 -13.78 3.82 19.82
CA TYR A 578 -12.52 4.19 20.45
C TYR A 578 -12.58 3.92 21.94
N ASP A 579 -11.64 3.12 22.45
CA ASP A 579 -11.54 2.86 23.88
C ASP A 579 -10.17 2.31 24.23
N LEU A 580 -9.30 3.19 24.72
CA LEU A 580 -7.90 2.86 25.06
C LEU A 580 -7.77 1.62 25.93
N ARG A 581 -8.77 1.40 26.78
CA ARG A 581 -8.89 0.18 27.57
C ARG A 581 -8.73 -1.04 26.68
N ASN A 582 -9.38 -1.00 25.53
CA ASN A 582 -9.31 -2.08 24.54
C ASN A 582 -7.98 -2.11 23.79
N ALA A 583 -7.59 -0.98 23.22
CA ALA A 583 -6.36 -0.91 22.43
C ALA A 583 -5.13 -1.33 23.24
N THR A 584 -5.02 -0.88 24.48
CA THR A 584 -3.88 -1.27 25.29
C THR A 584 -3.95 -2.76 25.64
N ALA A 585 -5.15 -3.26 25.90
CA ALA A 585 -5.34 -4.68 26.18
C ALA A 585 -4.80 -5.51 25.02
N ILE A 586 -4.87 -4.97 23.80
CA ILE A 586 -4.35 -5.65 22.63
C ILE A 586 -2.81 -5.61 22.60
N THR A 587 -2.24 -4.40 22.58
CA THR A 587 -0.79 -4.22 22.47
C THR A 587 -0.06 -4.93 23.58
N THR A 588 -0.53 -4.75 24.82
CA THR A 588 0.03 -5.38 26.03
C THR A 588 0.03 -6.91 25.96
N PHE A 589 -1.13 -7.51 25.70
CA PHE A 589 -1.22 -8.96 25.56
C PHE A 589 -0.21 -9.42 24.51
N GLY A 590 -0.11 -8.64 23.44
CA GLY A 590 0.86 -8.88 22.39
C GLY A 590 2.30 -8.90 22.85
N GLN A 591 2.64 -8.07 23.83
CA GLN A 591 4.00 -8.08 24.38
C GLN A 591 4.24 -9.31 25.20
N MET A 592 3.22 -9.68 26.00
CA MET A 592 3.30 -10.86 26.86
C MET A 592 3.48 -12.11 26.02
N ALA A 593 2.61 -12.28 25.03
CA ALA A 593 2.61 -13.45 24.17
C ALA A 593 3.98 -13.69 23.56
N LEU A 594 4.55 -12.64 22.97
CA LEU A 594 5.88 -12.71 22.37
C LEU A 594 6.91 -13.17 23.41
N GLN A 595 7.16 -12.34 24.43
CA GLN A 595 8.17 -12.62 25.44
C GLN A 595 7.93 -13.99 26.09
N TRP A 596 6.65 -14.35 26.24
CA TRP A 596 6.27 -15.64 26.79
C TRP A 596 6.92 -16.74 25.96
N ILE A 597 6.60 -16.75 24.67
CA ILE A 597 7.13 -17.79 23.79
C ILE A 597 8.66 -17.74 23.64
N GLU A 598 9.27 -16.57 23.87
CA GLU A 598 10.73 -16.50 23.88
C GLU A 598 11.24 -17.36 25.02
N ARG A 599 10.94 -16.96 26.25
CA ARG A 599 11.24 -17.74 27.44
C ARG A 599 11.04 -19.24 27.16
N LYS A 600 9.82 -19.58 26.73
CA LYS A 600 9.42 -20.97 26.50
C LYS A 600 10.28 -21.68 25.46
N VAL A 601 10.56 -20.99 24.35
CA VAL A 601 11.37 -21.54 23.26
C VAL A 601 12.84 -21.67 23.70
N ASN A 602 13.31 -20.69 24.47
CA ASN A 602 14.61 -20.77 25.14
C ASN A 602 14.67 -21.89 26.18
N GLU A 603 13.51 -22.47 26.50
CA GLU A 603 13.44 -23.58 27.43
C GLU A 603 13.33 -24.92 26.72
N TYR A 604 12.72 -24.94 25.54
CA TYR A 604 12.52 -26.21 24.82
C TYR A 604 13.79 -26.72 24.14
N LEU A 605 14.48 -25.83 23.43
CA LEU A 605 15.68 -26.20 22.68
C LEU A 605 16.88 -26.44 23.59
N ASN A 606 17.03 -25.60 24.62
CA ASN A 606 18.08 -25.81 25.62
C ASN A 606 18.03 -27.21 26.24
N GLU A 607 16.82 -27.68 26.52
CA GLU A 607 16.61 -29.02 27.06
C GLU A 607 16.80 -30.11 26.00
N VAL A 608 16.69 -29.71 24.73
CA VAL A 608 16.82 -30.62 23.59
C VAL A 608 18.29 -30.78 23.16
N CYS A 609 19.02 -29.67 23.15
CA CYS A 609 20.44 -29.65 22.78
C CYS A 609 21.35 -30.01 23.96
N GLY A 610 20.76 -30.11 25.15
CA GLY A 610 21.49 -30.40 26.37
C GLY A 610 21.92 -29.15 27.13
N THR A 611 22.27 -28.11 26.38
CA THR A 611 22.79 -26.85 26.93
C THR A 611 21.87 -26.21 27.96
N GLU A 612 22.49 -25.57 28.96
CA GLU A 612 21.76 -24.98 30.07
C GLU A 612 22.02 -23.47 30.12
N GLY A 613 21.17 -22.70 29.45
CA GLY A 613 21.21 -21.23 29.53
C GLY A 613 21.41 -20.49 28.22
N GLU A 614 21.71 -21.22 27.15
CA GLU A 614 22.01 -20.59 25.85
C GLU A 614 20.85 -19.76 25.30
N ALA A 615 21.19 -18.64 24.68
CA ALA A 615 20.20 -17.70 24.14
C ALA A 615 19.93 -18.00 22.67
N PHE A 616 18.90 -18.82 22.42
CA PHE A 616 18.57 -19.31 21.09
C PHE A 616 17.91 -18.27 20.19
N VAL A 617 16.96 -17.55 20.76
CA VAL A 617 16.23 -16.53 20.01
C VAL A 617 16.96 -15.20 20.13
N LEU A 618 17.52 -14.78 19.00
CA LEU A 618 18.38 -13.59 18.95
C LEU A 618 17.61 -12.29 18.77
N TYR A 619 16.43 -12.36 18.16
CA TYR A 619 15.62 -11.16 17.91
C TYR A 619 14.14 -11.49 17.73
N GLY A 620 13.30 -10.48 17.93
CA GLY A 620 11.85 -10.59 17.76
C GLY A 620 11.19 -9.22 17.72
N ASP A 621 10.27 -9.05 16.77
CA ASP A 621 9.62 -7.75 16.54
C ASP A 621 8.11 -7.91 16.52
N THR A 622 7.46 -7.41 17.58
CA THR A 622 6.02 -7.53 17.76
C THR A 622 5.50 -8.97 17.91
N ASP A 623 5.59 -9.77 16.85
CA ASP A 623 5.05 -11.14 16.91
C ASP A 623 6.01 -12.25 16.45
N SER A 624 7.17 -11.84 15.92
CA SER A 624 8.10 -12.76 15.25
C SER A 624 9.27 -13.14 16.13
N ILE A 625 9.85 -14.32 15.91
CA ILE A 625 11.09 -14.71 16.57
C ILE A 625 12.13 -15.29 15.62
N TYR A 626 13.38 -14.91 15.85
CA TYR A 626 14.49 -15.38 15.02
C TYR A 626 15.42 -16.26 15.85
N VAL A 627 15.62 -17.49 15.38
CA VAL A 627 16.32 -18.54 16.11
C VAL A 627 17.65 -18.91 15.45
N SER A 628 18.71 -19.02 16.26
CA SER A 628 20.03 -19.39 15.77
C SER A 628 20.22 -20.92 15.74
N ALA A 629 20.15 -21.50 14.55
CA ALA A 629 20.20 -22.94 14.36
C ALA A 629 21.61 -23.52 14.45
N ASP A 630 22.60 -22.68 14.74
CA ASP A 630 24.00 -23.09 14.66
C ASP A 630 24.28 -24.35 15.48
N LYS A 631 23.90 -24.34 16.77
CA LYS A 631 24.08 -25.49 17.66
C LYS A 631 23.36 -26.75 17.15
N ILE A 632 22.23 -26.55 16.47
CA ILE A 632 21.41 -27.65 15.92
C ILE A 632 22.13 -28.41 14.80
N ILE A 633 22.52 -27.69 13.75
CA ILE A 633 23.23 -28.31 12.62
C ILE A 633 24.53 -28.91 13.13
N ASP A 634 25.29 -28.12 13.89
CA ASP A 634 26.53 -28.57 14.50
C ASP A 634 26.35 -29.88 15.27
N LYS A 635 25.18 -30.04 15.90
CA LYS A 635 24.87 -31.28 16.62
C LYS A 635 24.85 -32.53 15.72
N VAL A 636 24.42 -32.36 14.48
CA VAL A 636 24.37 -33.46 13.51
C VAL A 636 25.65 -33.50 12.67
N GLY A 637 26.29 -32.34 12.52
CA GLY A 637 27.54 -32.23 11.79
C GLY A 637 27.31 -31.97 10.31
N GLU A 638 27.65 -30.75 9.89
CA GLU A 638 27.51 -30.30 8.49
C GLU A 638 28.18 -31.21 7.45
N SER A 639 29.15 -32.01 7.89
CA SER A 639 29.83 -32.94 7.01
C SER A 639 28.92 -34.09 6.53
N LYS A 640 27.62 -33.95 6.78
CA LYS A 640 26.62 -34.93 6.32
C LYS A 640 25.96 -34.53 5.00
N PHE A 641 24.97 -33.64 5.11
CA PHE A 641 24.15 -33.14 4.00
C PHE A 641 24.92 -32.97 2.68
N ARG A 642 24.45 -33.66 1.65
CA ARG A 642 25.12 -33.70 0.33
C ARG A 642 25.08 -32.36 -0.41
N ASP A 643 23.93 -31.70 -0.37
CA ASP A 643 23.72 -30.43 -1.04
C ASP A 643 22.96 -29.47 -0.14
N THR A 644 22.80 -28.24 -0.61
CA THR A 644 22.18 -27.15 0.15
C THR A 644 20.76 -27.49 0.60
N ASN A 645 19.98 -28.05 -0.32
CA ASN A 645 18.60 -28.43 -0.07
C ASN A 645 18.47 -29.44 1.07
N HIS A 646 19.40 -30.40 1.11
CA HIS A 646 19.34 -31.51 2.08
C HIS A 646 19.24 -31.02 3.52
N TRP A 647 19.94 -29.94 3.85
CA TRP A 647 19.84 -29.36 5.19
C TRP A 647 18.64 -28.41 5.35
N VAL A 648 18.16 -27.85 4.24
CA VAL A 648 16.94 -27.06 4.24
C VAL A 648 15.73 -27.96 4.48
N ASP A 649 15.65 -29.04 3.69
CA ASP A 649 14.65 -30.08 3.86
C ASP A 649 14.61 -30.47 5.33
N PHE A 650 15.81 -30.68 5.87
CA PHE A 650 16.04 -31.09 7.25
C PHE A 650 15.32 -30.19 8.24
N LEU A 651 15.51 -28.90 8.08
CA LEU A 651 15.01 -27.92 9.05
C LEU A 651 13.51 -27.61 8.93
N ASP A 652 12.97 -27.70 7.72
CA ASP A 652 11.53 -27.62 7.53
C ASP A 652 10.87 -28.82 8.19
N LYS A 653 11.32 -30.02 7.83
CA LYS A 653 10.87 -31.26 8.48
C LYS A 653 11.09 -31.22 9.99
N PHE A 654 12.09 -30.45 10.45
CA PHE A 654 12.33 -30.27 11.88
C PHE A 654 11.26 -29.38 12.50
N ALA A 655 11.08 -28.19 11.93
CA ALA A 655 10.09 -27.24 12.42
C ALA A 655 8.68 -27.83 12.42
N ARG A 656 8.36 -28.58 11.37
CA ARG A 656 7.03 -29.16 11.22
C ARG A 656 6.73 -30.18 12.31
N GLU A 657 7.53 -31.24 12.32
CA GLU A 657 7.24 -32.44 13.10
C GLU A 657 7.65 -32.36 14.58
N ARG A 658 8.53 -31.42 14.92
CA ARG A 658 9.07 -31.36 16.27
C ARG A 658 8.82 -30.03 16.98
N MET A 659 9.01 -28.93 16.27
CA MET A 659 9.05 -27.60 16.91
C MET A 659 7.69 -27.00 17.20
N GLU A 660 6.85 -26.90 16.17
CA GLU A 660 5.51 -26.32 16.30
C GLU A 660 4.58 -27.08 17.27
N PRO A 661 4.69 -28.42 17.33
CA PRO A 661 3.97 -29.12 18.40
C PRO A 661 4.39 -28.62 19.79
N ALA A 662 5.69 -28.43 19.99
CA ALA A 662 6.26 -27.96 21.25
C ALA A 662 5.87 -26.52 21.53
N ILE A 663 5.70 -25.76 20.45
CA ILE A 663 5.20 -24.40 20.53
C ILE A 663 3.71 -24.44 20.83
N ASP A 664 3.01 -25.36 20.17
CA ASP A 664 1.56 -25.46 20.28
C ASP A 664 1.11 -25.55 21.74
N ARG A 665 1.72 -26.47 22.49
CA ARG A 665 1.40 -26.63 23.91
C ARG A 665 2.00 -25.49 24.75
N GLY A 666 3.04 -24.85 24.22
CA GLY A 666 3.58 -23.64 24.83
C GLY A 666 2.56 -22.50 24.88
N PHE A 667 1.94 -22.21 23.73
CA PHE A 667 0.90 -21.18 23.65
C PHE A 667 -0.41 -21.58 24.29
N ARG A 668 -0.65 -22.89 24.35
CA ARG A 668 -1.86 -23.42 24.94
C ARG A 668 -1.89 -23.07 26.41
N GLU A 669 -0.73 -23.14 27.06
CA GLU A 669 -0.58 -22.88 28.48
C GLU A 669 -0.99 -21.46 28.83
N MET A 670 -0.62 -20.51 27.98
CA MET A 670 -0.89 -19.10 28.19
C MET A 670 -2.37 -18.78 28.07
N CYS A 671 -3.03 -19.41 27.11
CA CYS A 671 -4.48 -19.29 26.95
C CYS A 671 -5.18 -19.69 28.25
N GLU A 672 -4.81 -20.87 28.76
CA GLU A 672 -5.28 -21.36 30.05
C GLU A 672 -4.92 -20.43 31.20
N TYR A 673 -3.72 -19.86 31.14
CA TYR A 673 -3.24 -18.93 32.16
C TYR A 673 -4.15 -17.71 32.16
N MET A 674 -4.45 -17.19 30.97
CA MET A 674 -5.25 -15.98 30.83
C MET A 674 -6.75 -16.25 30.64
N ASN A 675 -7.15 -17.51 30.83
CA ASN A 675 -8.55 -17.91 30.73
C ASN A 675 -9.28 -17.31 29.51
N ASN A 676 -8.58 -17.24 28.40
CA ASN A 676 -9.11 -16.68 27.17
C ASN A 676 -10.22 -17.52 26.54
N LYS A 677 -10.97 -16.92 25.62
CA LYS A 677 -12.16 -17.56 25.04
C LYS A 677 -11.80 -18.77 24.19
N GLN A 678 -10.89 -18.60 23.23
CA GLN A 678 -10.39 -19.70 22.42
C GLN A 678 -8.93 -19.51 22.03
N HIS A 679 -8.23 -20.61 21.86
CA HIS A 679 -6.81 -20.59 21.55
C HIS A 679 -6.54 -20.32 20.07
N LEU A 680 -5.98 -19.15 19.77
CA LEU A 680 -5.71 -18.75 18.39
C LEU A 680 -4.33 -18.14 18.19
N MET A 681 -3.38 -18.57 19.01
CA MET A 681 -1.97 -18.24 18.79
C MET A 681 -1.33 -19.30 17.88
N PHE A 682 -1.09 -18.91 16.63
CA PHE A 682 -0.57 -19.81 15.62
C PHE A 682 0.74 -19.29 15.05
N MET A 683 1.83 -19.93 15.44
CA MET A 683 3.16 -19.56 14.93
C MET A 683 3.61 -20.50 13.81
N ASP A 684 3.86 -19.91 12.65
CA ASP A 684 4.22 -20.65 11.44
C ASP A 684 5.61 -20.28 10.94
N ARG A 685 6.34 -21.29 10.48
CA ARG A 685 7.70 -21.10 9.99
C ARG A 685 7.73 -20.35 8.66
N GLU A 686 8.45 -19.25 8.64
CA GLU A 686 8.56 -18.39 7.46
C GLU A 686 9.88 -18.61 6.72
N ALA A 687 10.91 -17.85 7.09
CA ALA A 687 12.21 -17.95 6.44
C ALA A 687 13.11 -19.02 7.05
N ILE A 688 13.62 -19.89 6.17
CA ILE A 688 14.77 -20.75 6.45
C ILE A 688 15.95 -20.15 5.71
N ALA A 689 16.91 -19.62 6.47
CA ALA A 689 18.02 -18.87 5.89
C ALA A 689 19.37 -19.39 6.37
N GLY A 690 20.28 -19.58 5.42
CA GLY A 690 21.66 -19.97 5.70
C GLY A 690 22.54 -19.59 4.54
N PRO A 691 23.85 -19.84 4.66
CA PRO A 691 24.75 -19.63 3.52
C PRO A 691 24.71 -20.85 2.59
N PRO A 692 25.15 -20.69 1.32
CA PRO A 692 25.32 -21.90 0.51
C PRO A 692 26.25 -22.87 1.22
N LEU A 693 26.11 -24.15 0.90
CA LEU A 693 26.97 -25.19 1.46
C LEU A 693 28.40 -25.11 0.93
N GLY A 694 29.36 -25.37 1.81
CA GLY A 694 30.78 -25.45 1.45
C GLY A 694 31.39 -24.19 0.88
N SER A 695 30.85 -23.04 1.28
CA SER A 695 31.32 -21.74 0.80
C SER A 695 31.42 -20.75 1.94
N LYS A 696 32.54 -20.02 1.99
CA LYS A 696 32.74 -18.96 2.97
C LYS A 696 31.69 -17.89 2.73
N GLY A 697 30.80 -17.71 3.70
CA GLY A 697 29.65 -16.82 3.57
C GLY A 697 28.90 -16.82 4.89
N ILE A 698 28.56 -15.62 5.36
CA ILE A 698 28.08 -15.45 6.74
C ILE A 698 26.60 -15.83 6.97
N GLY A 699 25.78 -15.75 5.93
CA GLY A 699 24.39 -16.13 6.03
C GLY A 699 23.46 -14.97 6.37
N GLY A 700 23.71 -14.31 7.51
CA GLY A 700 22.89 -13.18 7.96
C GLY A 700 23.52 -12.30 9.03
N PHE A 701 22.85 -11.19 9.37
CA PHE A 701 23.33 -10.25 10.39
C PHE A 701 22.28 -9.27 10.96
N TRP A 702 22.51 -8.81 12.19
CA TRP A 702 21.74 -7.73 12.81
C TRP A 702 22.62 -6.56 13.22
N THR A 703 22.19 -5.35 12.85
CA THR A 703 22.93 -4.14 13.22
C THR A 703 22.19 -3.36 14.31
N GLY A 704 21.01 -3.84 14.68
CA GLY A 704 20.18 -3.21 15.70
C GLY A 704 18.73 -3.41 15.36
N LYS A 705 17.84 -2.90 16.22
CA LYS A 705 16.40 -3.08 16.02
C LYS A 705 15.99 -2.69 14.61
N LYS A 706 15.24 -3.57 13.95
CA LYS A 706 14.64 -3.30 12.64
C LYS A 706 15.64 -3.14 11.48
N ARG A 707 16.84 -3.71 11.63
CA ARG A 707 17.89 -3.61 10.63
C ARG A 707 18.67 -4.90 10.60
N TYR A 708 18.35 -5.76 9.64
CA TYR A 708 18.97 -7.07 9.55
C TYR A 708 18.75 -7.66 8.18
N ALA A 709 19.64 -8.58 7.80
CA ALA A 709 19.57 -9.25 6.50
C ALA A 709 19.84 -10.72 6.67
N LEU A 710 19.04 -11.52 5.96
CA LEU A 710 19.23 -12.97 5.89
C LEU A 710 19.28 -13.44 4.42
N ASN A 711 19.91 -14.59 4.20
CA ASN A 711 19.96 -15.23 2.88
C ASN A 711 19.05 -16.45 2.88
N VAL A 712 17.88 -16.31 2.29
CA VAL A 712 16.81 -17.29 2.47
C VAL A 712 16.64 -18.31 1.32
N TRP A 713 16.37 -19.55 1.70
CA TRP A 713 16.11 -20.67 0.77
C TRP A 713 14.63 -21.05 0.67
N ASP A 714 13.94 -21.09 1.80
CA ASP A 714 12.50 -21.37 1.82
C ASP A 714 11.77 -20.34 2.68
N MET A 715 10.75 -19.71 2.11
CA MET A 715 9.99 -18.67 2.81
C MET A 715 8.49 -18.97 2.90
N GLU A 716 8.11 -19.77 3.89
CA GLU A 716 6.71 -20.16 4.13
C GLU A 716 6.24 -21.25 3.14
N GLY A 717 6.84 -22.43 3.24
CA GLY A 717 6.52 -23.52 2.35
C GLY A 717 7.09 -23.30 0.96
N THR A 718 7.00 -22.07 0.46
CA THR A 718 7.48 -21.76 -0.89
C THR A 718 9.02 -21.83 -1.00
N ARG A 719 9.49 -22.79 -1.79
CA ARG A 719 10.90 -23.17 -1.86
C ARG A 719 11.61 -22.65 -3.11
N TYR A 720 12.50 -21.68 -2.92
CA TYR A 720 13.15 -20.99 -4.04
C TYR A 720 14.24 -21.83 -4.66
N ALA A 721 14.29 -21.80 -5.99
CA ALA A 721 15.33 -22.46 -6.77
C ALA A 721 16.62 -21.66 -6.73
N GLU A 722 16.46 -20.34 -6.67
CA GLU A 722 17.56 -19.41 -6.47
C GLU A 722 17.41 -18.79 -5.08
N PRO A 723 18.51 -18.69 -4.30
CA PRO A 723 18.42 -18.05 -2.99
C PRO A 723 17.92 -16.63 -3.15
N LYS A 724 17.04 -16.23 -2.24
CA LYS A 724 16.41 -14.92 -2.32
C LYS A 724 16.80 -14.08 -1.11
N LEU A 725 17.44 -12.96 -1.38
CA LEU A 725 17.85 -12.05 -0.33
C LEU A 725 16.67 -11.45 0.43
N LYS A 726 16.62 -11.68 1.75
CA LYS A 726 15.60 -11.07 2.56
C LYS A 726 16.21 -9.99 3.43
N ILE A 727 16.02 -8.74 3.02
CA ILE A 727 16.63 -7.60 3.70
C ILE A 727 15.55 -6.69 4.27
N MET A 728 15.54 -6.59 5.60
CA MET A 728 14.60 -5.72 6.30
C MET A 728 15.31 -4.52 6.89
N GLY A 729 14.70 -3.34 6.74
CA GLY A 729 15.17 -2.12 7.38
C GLY A 729 16.41 -1.42 6.81
N LEU A 730 17.29 -2.16 6.15
CA LEU A 730 18.57 -1.58 5.70
C LEU A 730 18.41 -0.66 4.49
N GLU A 731 19.47 0.09 4.19
CA GLU A 731 19.47 1.15 3.16
C GLU A 731 19.00 0.72 1.77
N THR A 732 19.11 -0.59 1.48
CA THR A 732 18.66 -1.14 0.21
C THR A 732 17.14 -1.10 0.09
N GLN A 733 16.46 -0.94 1.23
CA GLN A 733 15.01 -0.94 1.29
C GLN A 733 14.41 0.45 1.32
N LYS A 734 15.24 1.44 1.63
CA LYS A 734 14.80 2.84 1.68
C LYS A 734 14.75 3.50 0.29
N SER A 735 13.58 4.03 -0.03
CA SER A 735 13.31 4.82 -1.24
C SER A 735 14.19 6.08 -1.39
N SER A 736 14.72 6.57 -0.28
CA SER A 736 15.57 7.75 -0.30
C SER A 736 16.99 7.40 -0.74
N THR A 737 17.29 6.11 -0.85
CA THR A 737 18.60 5.66 -1.32
C THR A 737 18.70 5.83 -2.83
N PRO A 738 19.86 6.27 -3.34
CA PRO A 738 20.01 6.29 -4.79
C PRO A 738 19.83 4.89 -5.39
N LYS A 739 19.30 4.83 -6.60
CA LYS A 739 18.91 3.55 -7.17
C LYS A 739 20.16 2.70 -7.42
N ALA A 740 21.24 3.35 -7.84
CA ALA A 740 22.47 2.66 -8.20
C ALA A 740 23.15 2.13 -6.97
N VAL A 741 23.05 2.88 -5.88
CA VAL A 741 23.62 2.47 -4.61
C VAL A 741 22.80 1.33 -3.98
N GLN A 742 21.47 1.45 -3.97
CA GLN A 742 20.59 0.32 -3.61
C GLN A 742 21.11 -0.97 -4.25
N LYS A 743 21.29 -0.91 -5.58
CA LYS A 743 21.79 -2.05 -6.33
C LYS A 743 23.17 -2.48 -5.82
N ALA A 744 24.04 -1.50 -5.61
CA ALA A 744 25.40 -1.75 -5.17
C ALA A 744 25.42 -2.43 -3.81
N LEU A 745 24.70 -1.84 -2.86
CA LEU A 745 24.68 -2.30 -1.48
C LEU A 745 24.11 -3.73 -1.34
N LYS A 746 23.06 -4.02 -2.10
CA LYS A 746 22.46 -5.35 -2.09
C LYS A 746 23.43 -6.41 -2.62
N GLU A 747 24.24 -6.03 -3.60
CA GLU A 747 25.24 -6.93 -4.13
C GLU A 747 26.35 -7.20 -3.10
N CYS A 748 26.69 -6.16 -2.33
CA CYS A 748 27.62 -6.29 -1.21
C CYS A 748 27.05 -7.28 -0.20
N ILE A 749 25.79 -7.08 0.16
CA ILE A 749 25.14 -7.99 1.08
C ILE A 749 25.12 -9.39 0.51
N ARG A 750 24.65 -9.53 -0.73
CA ARG A 750 24.60 -10.86 -1.34
C ARG A 750 25.92 -11.59 -1.15
N ARG A 751 27.00 -10.96 -1.62
CA ARG A 751 28.36 -11.51 -1.52
C ARG A 751 28.80 -11.78 -0.09
N MET A 752 28.50 -10.85 0.82
CA MET A 752 28.75 -11.06 2.25
C MET A 752 28.12 -12.37 2.69
N LEU A 753 26.80 -12.46 2.52
CA LEU A 753 26.06 -13.64 2.99
C LEU A 753 26.42 -14.93 2.21
N GLN A 754 26.67 -14.81 0.91
CA GLN A 754 26.84 -15.98 0.03
C GLN A 754 28.29 -16.35 -0.28
N GLU A 755 29.15 -15.34 -0.39
CA GLU A 755 30.51 -15.54 -0.90
C GLU A 755 31.64 -15.06 0.05
N GLY A 756 31.29 -14.59 1.25
CA GLY A 756 32.28 -14.28 2.29
C GLY A 756 33.04 -12.98 2.15
N GLU A 757 34.07 -12.82 2.98
CA GLU A 757 34.88 -11.61 3.03
C GLU A 757 35.56 -11.32 1.69
N GLU A 758 36.29 -12.32 1.18
CA GLU A 758 36.97 -12.30 -0.13
C GLU A 758 36.18 -11.56 -1.22
N SER A 759 34.96 -12.04 -1.46
CA SER A 759 34.13 -11.60 -2.58
C SER A 759 33.67 -10.16 -2.43
N LEU A 760 33.24 -9.81 -1.23
CA LEU A 760 32.82 -8.45 -0.93
C LEU A 760 33.93 -7.46 -1.29
N GLN A 761 35.09 -7.63 -0.66
CA GLN A 761 36.20 -6.68 -0.82
C GLN A 761 36.50 -6.43 -2.28
N GLU A 762 36.36 -7.49 -3.08
CA GLU A 762 36.60 -7.43 -4.52
C GLU A 762 35.58 -6.54 -5.23
N TYR A 763 34.31 -6.65 -4.83
CA TYR A 763 33.23 -5.85 -5.43
C TYR A 763 33.34 -4.40 -4.99
N PHE A 764 33.61 -4.17 -3.71
CA PHE A 764 33.89 -2.83 -3.21
C PHE A 764 34.93 -2.10 -4.06
N LYS A 765 36.07 -2.76 -4.31
CA LYS A 765 37.12 -2.24 -5.18
C LYS A 765 36.55 -1.82 -6.54
N GLU A 766 35.74 -2.70 -7.13
CA GLU A 766 35.23 -2.51 -8.48
C GLU A 766 34.16 -1.44 -8.55
N PHE A 767 33.22 -1.48 -7.60
CA PHE A 767 32.19 -0.46 -7.56
C PHE A 767 32.76 0.94 -7.39
N GLU A 768 33.76 1.09 -6.53
CA GLU A 768 34.35 2.40 -6.28
C GLU A 768 34.89 3.03 -7.56
N LYS A 769 35.51 2.21 -8.40
CA LYS A 769 36.17 2.69 -9.61
C LYS A 769 35.18 3.08 -10.70
N GLU A 770 34.10 2.33 -10.83
CA GLU A 770 33.12 2.62 -11.88
C GLU A 770 31.94 3.36 -11.28
N PHE A 771 32.23 4.25 -10.34
CA PHE A 771 31.18 5.00 -9.66
C PHE A 771 30.97 6.33 -10.34
N ARG A 772 32.06 6.98 -10.71
CA ARG A 772 32.02 8.31 -11.32
C ARG A 772 31.42 8.27 -12.72
N GLN A 773 31.27 7.07 -13.28
CA GLN A 773 30.78 6.92 -14.65
C GLN A 773 29.29 6.65 -14.71
N LEU A 774 28.67 6.55 -13.54
CA LEU A 774 27.25 6.26 -13.45
C LEU A 774 26.36 7.43 -13.81
N ASN A 775 25.13 7.10 -14.19
CA ASN A 775 24.11 8.06 -14.51
C ASN A 775 23.93 8.99 -13.32
N TYR A 776 23.76 10.29 -13.57
CA TYR A 776 23.58 11.23 -12.45
C TYR A 776 22.29 10.92 -11.70
N ILE A 777 21.22 10.62 -12.44
CA ILE A 777 19.94 10.30 -11.81
C ILE A 777 20.10 9.09 -10.91
N SER A 778 20.75 8.04 -11.39
CA SER A 778 20.88 6.82 -10.61
C SER A 778 21.65 7.02 -9.30
N ILE A 779 22.42 8.10 -9.20
CA ILE A 779 23.13 8.34 -7.95
C ILE A 779 22.57 9.45 -7.06
N ALA A 780 21.52 10.15 -7.51
CA ALA A 780 20.86 11.15 -6.65
C ALA A 780 20.18 10.51 -5.44
N SER A 781 20.26 11.16 -4.29
CA SER A 781 19.38 10.85 -3.17
C SER A 781 17.97 11.36 -3.46
N VAL A 782 16.97 10.76 -2.81
CA VAL A 782 15.59 11.24 -2.93
C VAL A 782 15.10 11.69 -1.56
N SER A 783 14.01 12.46 -1.54
CA SER A 783 13.37 12.88 -0.31
C SER A 783 12.09 13.67 -0.58
N SER A 784 11.20 13.67 0.40
CA SER A 784 9.99 14.49 0.35
C SER A 784 10.29 15.96 0.58
N ALA A 785 9.60 16.81 -0.17
CA ALA A 785 9.77 18.27 -0.11
C ALA A 785 8.67 18.89 0.75
N ASN A 786 8.87 18.86 2.06
CA ASN A 786 7.86 19.39 2.98
C ASN A 786 8.24 20.70 3.66
N ASN A 787 7.22 21.51 3.92
CA ASN A 787 7.38 22.83 4.55
C ASN A 787 8.39 23.72 3.82
N ILE A 788 8.43 23.61 2.50
CA ILE A 788 9.37 24.40 1.72
C ILE A 788 9.32 25.83 2.21
N ALA A 789 8.10 26.34 2.37
CA ALA A 789 7.84 27.70 2.85
C ALA A 789 8.34 27.97 4.26
N LYS A 790 8.13 27.02 5.18
CA LYS A 790 8.56 27.20 6.58
C LYS A 790 10.04 27.62 6.70
N TYR A 791 10.88 27.09 5.81
CA TYR A 791 12.31 27.38 5.89
C TYR A 791 12.81 28.38 4.83
N ASP A 792 11.93 28.80 3.93
CA ASP A 792 12.28 29.78 2.91
C ASP A 792 12.28 31.21 3.49
N VAL A 793 13.48 31.79 3.60
CA VAL A 793 13.62 33.18 4.05
C VAL A 793 14.24 34.04 2.93
N GLY A 794 13.38 34.64 2.11
CA GLY A 794 13.81 35.44 0.95
C GLY A 794 14.44 34.61 -0.15
N GLY A 795 14.01 33.35 -0.26
CA GLY A 795 14.60 32.40 -1.19
C GLY A 795 15.92 31.83 -0.69
N PHE A 796 16.15 31.96 0.61
CA PHE A 796 17.38 31.48 1.26
C PHE A 796 17.04 30.62 2.48
N PRO A 797 17.96 29.72 2.88
CA PRO A 797 17.66 28.76 3.95
C PRO A 797 17.43 29.43 5.28
N GLY A 798 16.36 29.02 5.96
CA GLY A 798 16.05 29.51 7.30
C GLY A 798 16.78 28.71 8.37
N PRO A 799 16.41 28.95 9.64
CA PRO A 799 17.00 28.21 10.75
C PRO A 799 16.46 26.78 10.81
N LYS A 800 17.34 25.82 11.10
CA LYS A 800 16.97 24.39 11.16
C LYS A 800 16.54 23.83 9.81
N CYS A 801 17.02 24.45 8.73
CA CYS A 801 16.66 24.06 7.38
C CYS A 801 17.30 22.72 7.01
N PRO A 802 16.48 21.70 6.73
CA PRO A 802 16.99 20.38 6.37
C PRO A 802 17.79 20.41 5.08
N PHE A 803 18.64 19.40 4.92
CA PHE A 803 19.58 19.31 3.82
C PHE A 803 18.94 19.26 2.42
N HIS A 804 17.78 18.63 2.31
CA HIS A 804 17.11 18.51 1.02
C HIS A 804 16.28 19.74 0.70
N ILE A 805 15.90 20.50 1.74
CA ILE A 805 15.18 21.74 1.54
C ILE A 805 16.17 22.76 1.03
N ARG A 806 17.32 22.84 1.71
CA ARG A 806 18.45 23.61 1.21
C ARG A 806 18.57 23.36 -0.30
N GLY A 807 18.68 22.07 -0.67
CA GLY A 807 18.71 21.65 -2.07
C GLY A 807 17.65 22.34 -2.93
N ILE A 808 16.42 22.29 -2.44
CA ILE A 808 15.27 22.91 -3.12
C ILE A 808 15.42 24.42 -3.28
N LEU A 809 15.79 25.10 -2.19
CA LEU A 809 15.91 26.56 -2.21
C LEU A 809 17.03 27.00 -3.15
N THR A 810 18.09 26.20 -3.23
CA THR A 810 19.15 26.40 -4.21
C THR A 810 18.57 26.32 -5.63
N TYR A 811 17.74 25.30 -5.88
CA TYR A 811 17.10 25.12 -7.18
C TYR A 811 16.33 26.36 -7.57
N ASN A 812 15.42 26.79 -6.71
CA ASN A 812 14.59 27.97 -6.95
C ASN A 812 15.38 29.24 -7.27
N ARG A 813 16.48 29.43 -6.54
CA ARG A 813 17.40 30.53 -6.80
C ARG A 813 17.98 30.45 -8.19
N ALA A 814 18.42 29.26 -8.57
CA ALA A 814 19.10 29.04 -9.85
C ALA A 814 18.15 29.11 -11.03
N ILE A 815 16.89 28.71 -10.81
CA ILE A 815 15.87 28.78 -11.86
C ILE A 815 15.10 30.10 -11.86
N LYS A 816 15.14 30.84 -10.74
CA LYS A 816 14.44 32.11 -10.62
C LYS A 816 14.72 32.95 -11.84
N GLY A 817 13.66 33.50 -12.43
CA GLY A 817 13.79 34.30 -13.63
C GLY A 817 12.88 33.75 -14.70
N ASN A 818 13.40 32.82 -15.50
CA ASN A 818 12.63 32.25 -16.60
C ASN A 818 11.73 31.10 -16.15
N ILE A 819 10.44 31.23 -16.47
CA ILE A 819 9.46 30.20 -16.18
C ILE A 819 9.21 29.36 -17.43
N ASP A 820 9.57 28.08 -17.32
CA ASP A 820 9.44 27.08 -18.36
C ASP A 820 10.03 25.82 -17.77
N ALA A 821 11.07 26.00 -16.95
CA ALA A 821 11.66 24.93 -16.17
C ALA A 821 10.64 24.37 -15.19
N PRO A 822 10.70 23.05 -14.93
CA PRO A 822 9.91 22.40 -13.88
C PRO A 822 10.04 23.09 -12.52
N GLN A 823 8.90 23.42 -11.93
CA GLN A 823 8.84 23.96 -10.57
C GLN A 823 8.75 22.80 -9.58
N VAL A 824 9.32 22.95 -8.39
CA VAL A 824 9.17 21.94 -7.34
C VAL A 824 7.86 22.19 -6.56
N VAL A 825 7.23 21.12 -6.10
CA VAL A 825 5.90 21.20 -5.52
C VAL A 825 5.87 20.79 -4.06
N GLU A 826 5.17 21.60 -3.26
CA GLU A 826 4.97 21.30 -1.84
C GLU A 826 4.24 19.97 -1.72
N GLY A 827 4.96 18.97 -1.23
CA GLY A 827 4.35 17.67 -1.03
C GLY A 827 5.07 16.54 -1.75
N GLU A 828 5.47 16.80 -2.98
CA GLU A 828 6.09 15.78 -3.83
C GLU A 828 7.56 15.51 -3.48
N LYS A 829 8.17 14.59 -4.21
CA LYS A 829 9.53 14.16 -3.93
C LYS A 829 10.55 14.81 -4.85
N VAL A 830 11.80 14.91 -4.38
CA VAL A 830 12.86 15.54 -5.14
C VAL A 830 14.12 14.71 -5.16
N TYR A 831 14.88 14.81 -6.25
CA TYR A 831 16.23 14.28 -6.28
C TYR A 831 17.15 15.31 -5.65
N VAL A 832 18.05 14.85 -4.78
CA VAL A 832 19.02 15.73 -4.11
C VAL A 832 20.44 15.30 -4.46
N LEU A 833 21.27 16.27 -4.83
CA LEU A 833 22.69 16.03 -5.07
C LEU A 833 23.53 17.02 -4.29
N PRO A 834 24.72 16.58 -3.81
CA PRO A 834 25.63 17.52 -3.17
C PRO A 834 26.57 18.18 -4.18
N LEU A 835 26.81 19.47 -3.99
CA LEU A 835 27.68 20.24 -4.88
C LEU A 835 29.01 20.55 -4.22
N ARG A 836 30.05 20.71 -5.04
CA ARG A 836 31.40 20.94 -4.54
C ARG A 836 31.58 22.39 -4.12
N GLU A 837 32.51 22.61 -3.19
CA GLU A 837 32.89 23.96 -2.75
C GLU A 837 33.05 24.93 -3.92
N GLY A 838 32.50 26.13 -3.78
CA GLY A 838 32.66 27.19 -4.78
C GLY A 838 31.99 26.95 -6.13
N ASN A 839 30.88 26.21 -6.13
CA ASN A 839 30.02 26.02 -7.30
C ASN A 839 29.24 27.31 -7.59
N PRO A 840 28.83 27.52 -8.87
CA PRO A 840 28.11 28.76 -9.24
C PRO A 840 26.78 28.95 -8.52
N PHE A 841 26.32 27.91 -7.82
CA PHE A 841 25.10 28.02 -7.02
C PHE A 841 25.43 28.60 -5.67
N GLY A 842 24.41 28.92 -4.89
CA GLY A 842 24.63 29.40 -3.54
C GLY A 842 25.30 28.34 -2.67
N ASP A 843 24.74 27.14 -2.66
CA ASP A 843 24.95 26.19 -1.58
C ASP A 843 25.77 24.94 -1.87
N LYS A 844 25.79 24.05 -0.88
CA LYS A 844 26.51 22.78 -0.94
C LYS A 844 25.67 21.64 -1.54
N CYS A 845 24.45 21.96 -2.00
CA CYS A 845 23.56 20.94 -2.55
C CYS A 845 22.47 21.51 -3.44
N ILE A 846 21.89 20.65 -4.28
CA ILE A 846 20.77 21.04 -5.14
C ILE A 846 19.75 19.92 -5.25
N ALA A 847 18.48 20.29 -5.17
CA ALA A 847 17.37 19.36 -5.34
C ALA A 847 16.55 19.77 -6.54
N TRP A 848 15.76 18.84 -7.09
CA TRP A 848 14.86 19.13 -8.21
C TRP A 848 13.81 18.03 -8.27
N PRO A 849 12.74 18.20 -9.07
CA PRO A 849 11.64 17.22 -9.01
C PRO A 849 12.06 15.83 -9.46
N SER A 850 11.78 14.84 -8.62
CA SER A 850 12.05 13.45 -8.92
C SER A 850 11.35 13.04 -10.20
N GLY A 851 11.78 11.93 -10.77
CA GLY A 851 11.26 11.46 -12.04
C GLY A 851 11.99 12.20 -13.14
N THR A 852 11.63 13.48 -13.32
CA THR A 852 12.17 14.34 -14.37
C THR A 852 13.70 14.45 -14.41
N GLU A 853 14.22 14.80 -15.58
CA GLU A 853 15.60 15.26 -15.73
C GLU A 853 15.63 16.77 -15.43
N ILE A 854 16.75 17.26 -14.88
CA ILE A 854 16.87 18.69 -14.55
C ILE A 854 16.95 19.49 -15.84
N THR A 855 16.54 20.75 -15.80
CA THR A 855 16.48 21.55 -17.02
C THR A 855 17.86 21.82 -17.60
N ASP A 856 17.95 21.74 -18.92
CA ASP A 856 19.15 22.15 -19.65
C ASP A 856 19.64 23.50 -19.16
N LEU A 857 18.71 24.32 -18.66
CA LEU A 857 18.98 25.63 -18.08
C LEU A 857 20.00 25.58 -16.95
N ILE A 858 20.40 24.37 -16.57
CA ILE A 858 21.14 24.17 -15.34
C ILE A 858 21.83 22.80 -15.24
N LYS A 859 21.52 21.91 -16.19
CA LYS A 859 22.09 20.54 -16.18
C LYS A 859 23.61 20.49 -16.39
N ASP A 860 24.10 21.16 -17.43
CA ASP A 860 25.52 21.11 -17.78
C ASP A 860 26.41 21.38 -16.56
N ASP A 861 26.10 22.45 -15.83
CA ASP A 861 26.85 22.85 -14.64
C ASP A 861 26.73 21.89 -13.46
N VAL A 862 25.51 21.41 -13.20
CA VAL A 862 25.28 20.50 -12.08
C VAL A 862 26.19 19.27 -12.21
N LEU A 863 26.15 18.63 -13.37
CA LEU A 863 27.01 17.47 -13.66
C LEU A 863 28.48 17.76 -13.35
N HIS A 864 28.90 18.98 -13.68
CA HIS A 864 30.28 19.40 -13.44
C HIS A 864 30.56 19.60 -11.96
N TRP A 865 29.58 20.12 -11.23
CA TRP A 865 29.80 20.46 -9.82
C TRP A 865 29.31 19.40 -8.83
N MET A 866 28.88 18.25 -9.34
CA MET A 866 28.52 17.11 -8.51
C MET A 866 29.67 16.74 -7.58
N ASP A 867 29.34 16.51 -6.32
CA ASP A 867 30.33 16.04 -5.37
C ASP A 867 30.28 14.53 -5.26
N TYR A 868 31.13 13.85 -6.02
CA TYR A 868 31.10 12.39 -6.05
C TYR A 868 31.62 11.81 -4.75
N THR A 869 32.66 12.44 -4.21
CA THR A 869 33.35 11.93 -3.02
C THR A 869 32.41 11.91 -1.83
N VAL A 870 31.72 13.03 -1.63
CA VAL A 870 30.77 13.15 -0.53
C VAL A 870 29.59 12.20 -0.76
N LEU A 871 29.03 12.21 -1.97
CA LEU A 871 27.93 11.33 -2.34
C LEU A 871 28.23 9.84 -2.10
N LEU A 872 29.46 9.41 -2.40
CA LEU A 872 29.85 8.00 -2.23
C LEU A 872 30.00 7.60 -0.75
N GLU A 873 30.52 8.52 0.06
CA GLU A 873 30.68 8.30 1.49
C GLU A 873 29.34 8.48 2.22
N LYS A 874 28.55 9.44 1.76
CA LYS A 874 27.23 9.70 2.35
C LYS A 874 26.31 8.51 2.20
N THR A 875 26.22 8.01 0.98
CA THR A 875 25.17 7.08 0.61
C THR A 875 25.60 5.64 0.61
N PHE A 876 26.87 5.39 0.33
CA PHE A 876 27.34 4.01 0.13
C PHE A 876 28.28 3.54 1.23
N ILE A 877 29.37 4.27 1.48
CA ILE A 877 30.37 3.82 2.44
C ILE A 877 29.84 3.78 3.88
N LYS A 878 29.31 4.91 4.36
CA LYS A 878 28.74 4.97 5.73
C LYS A 878 27.77 3.83 6.02
N PRO A 879 26.74 3.63 5.16
CA PRO A 879 25.83 2.52 5.42
C PRO A 879 26.52 1.14 5.42
N LEU A 880 27.50 0.99 4.54
CA LEU A 880 28.24 -0.27 4.41
C LEU A 880 29.10 -0.54 5.65
N GLU A 881 29.77 0.50 6.12
CA GLU A 881 30.49 0.47 7.39
C GLU A 881 29.63 -0.23 8.44
N GLY A 882 28.38 0.24 8.57
CA GLY A 882 27.41 -0.35 9.48
C GLY A 882 27.29 -1.85 9.36
N PHE A 883 27.03 -2.34 8.14
CA PHE A 883 26.85 -3.77 7.91
C PHE A 883 28.04 -4.57 8.42
N THR A 884 29.24 -4.12 8.05
CA THR A 884 30.47 -4.83 8.35
C THR A 884 30.83 -4.77 9.84
N SER A 885 30.70 -3.58 10.43
CA SER A 885 30.82 -3.41 11.87
C SER A 885 29.94 -4.42 12.60
N ALA A 886 28.74 -4.62 12.07
CA ALA A 886 27.77 -5.55 12.65
C ALA A 886 28.22 -7.00 12.54
N ALA A 887 28.59 -7.41 11.32
CA ALA A 887 29.00 -8.78 11.02
C ALA A 887 30.43 -9.08 11.44
N LYS A 888 31.10 -8.03 11.93
CA LYS A 888 32.53 -8.09 12.29
C LYS A 888 33.35 -8.52 11.07
N LEU A 889 33.25 -7.70 10.02
CA LEU A 889 33.95 -7.91 8.75
C LEU A 889 34.65 -6.64 8.30
N ASP A 890 35.60 -6.76 7.39
CA ASP A 890 36.23 -5.59 6.78
C ASP A 890 35.92 -5.51 5.29
N TYR A 891 35.40 -4.37 4.85
CA TYR A 891 35.05 -4.15 3.44
C TYR A 891 36.28 -3.78 2.63
N GLU A 892 37.41 -3.73 3.31
CA GLU A 892 38.69 -3.35 2.73
C GLU A 892 39.79 -3.88 3.64
N LYS A 893 40.59 -4.80 3.10
CA LYS A 893 41.70 -5.39 3.83
C LYS A 893 42.53 -4.29 4.49
N LYS A 894 42.75 -4.44 5.80
CA LYS A 894 43.63 -3.51 6.52
C LYS A 894 45.07 -3.79 6.13
N ALA A 895 45.87 -2.72 6.11
CA ALA A 895 47.29 -2.82 5.78
C ALA A 895 48.03 -3.65 6.83
N SER A 896 49.11 -4.29 6.42
CA SER A 896 49.89 -5.15 7.31
C SER A 896 51.35 -5.29 6.92
N LEU A 897 52.05 -6.17 7.65
CA LEU A 897 53.46 -6.47 7.46
C LEU A 897 53.73 -7.13 6.11
N PHE A 898 52.79 -7.97 5.67
CA PHE A 898 52.93 -8.74 4.44
C PHE A 898 52.84 -7.85 3.21
N ASP A 899 52.22 -6.68 3.37
CA ASP A 899 52.05 -5.71 2.28
C ASP A 899 53.35 -5.28 1.63
N MET A 900 54.47 -5.48 2.33
CA MET A 900 55.79 -5.14 1.82
C MET A 900 56.31 -6.21 0.85
N PHE A 901 55.50 -6.60 -0.14
CA PHE A 901 55.86 -7.70 -1.05
C PHE A 901 55.54 -7.52 -2.53
N ASP A 902 56.52 -7.91 -3.37
CA ASP A 902 56.44 -7.83 -4.83
C ASP A 902 55.52 -8.91 -5.42
N PHE A 903 54.47 -8.47 -6.13
CA PHE A 903 53.54 -9.40 -6.78
C PHE A 903 54.18 -10.19 -7.91
P DDG B 14 10.05 -6.67 10.47
OP1 DDG B 14 11.26 -7.19 11.23
OP2 DDG B 14 9.75 -7.02 9.01
O5' DDG B 14 8.74 -7.08 11.31
C5' DDG B 14 7.48 -6.56 10.94
C4' DDG B 14 6.86 -6.07 12.23
O4' DDG B 14 6.95 -4.65 12.31
C3' DDG B 14 5.40 -6.46 12.28
C2' DDG B 14 4.80 -5.33 13.09
C1' DDG B 14 5.75 -4.16 12.91
N9 DDG B 14 5.03 -3.23 12.02
C8 DDG B 14 5.19 -3.13 10.69
N7 DDG B 14 4.34 -2.20 10.19
C5 DDG B 14 3.63 -1.69 11.20
C6 DDG B 14 2.56 -0.66 11.37
O6 DDG B 14 2.11 -0.04 10.38
N1 DDG B 14 2.09 -0.46 12.61
C2 DDG B 14 2.55 -1.13 13.69
N2 DDG B 14 2.03 -0.85 14.91
N3 DDG B 14 3.53 -2.07 13.61
C4 DDG B 14 4.09 -2.39 12.41
P 8OG C 3 -8.87 7.38 8.86
OP1 8OG C 3 -8.61 8.68 9.62
OP2 8OG C 3 -10.29 7.02 8.47
O5' 8OG C 3 -8.39 6.12 9.75
C5' 8OG C 3 -7.01 5.86 10.04
C4' 8OG C 3 -6.87 5.03 11.31
O4' 8OG C 3 -6.87 3.62 11.04
C3' 8OG C 3 -5.57 5.34 12.02
O3' 8OG C 3 -5.81 6.09 13.21
C2' 8OG C 3 -5.06 4.02 12.51
C1' 8OG C 3 -5.83 2.94 11.78
N9 8OG C 3 -4.77 2.31 10.95
C8 8OG C 3 -3.93 1.34 11.35
N7 8OG C 3 -3.01 0.93 10.47
C5 8OG C 3 -3.25 1.69 9.39
C6 8OG C 3 -2.66 1.83 8.03
O6 8OG C 3 -1.71 1.11 7.67
N1 8OG C 3 -3.19 2.74 7.21
C2 8OG C 3 -4.23 3.53 7.56
N2 8OG C 3 -4.69 4.44 6.67
N3 8OG C 3 -4.81 3.47 8.78
C4 8OG C 3 -4.38 2.60 9.71
O8 8OG C 3 -4.02 0.85 12.53
PG DTP D . 0.70 -12.16 9.27
O1G DTP D . -0.18 -13.33 8.88
O2G DTP D . 1.14 -11.33 8.10
O3G DTP D . 1.80 -12.51 10.23
PB DTP D . 0.15 -10.05 11.11
O1B DTP D . -1.09 -9.16 11.21
O2B DTP D . 0.69 -10.77 12.33
O3B DTP D . -0.32 -11.26 10.15
PA DTP D . 2.62 -8.77 10.96
O1A DTP D . 3.34 -7.79 10.04
O2A DTP D . 3.35 -9.99 11.47
O3A DTP D . 1.28 -9.28 10.28
O5' DTP D . 2.03 -7.89 12.17
C5' DTP D . 2.38 -8.08 13.52
C4' DTP D . 1.38 -7.24 14.30
O4' DTP D . 1.77 -5.87 14.30
C3' DTP D . 0.03 -7.26 13.64
O3' DTP D . -0.74 -8.39 14.11
C2' DTP D . -0.56 -5.91 14.01
C1' DTP D . 0.66 -5.00 14.12
N9 DTP D . 0.72 -4.30 12.81
C8 DTP D . 1.53 -4.64 11.77
N7 DTP D . 1.30 -3.84 10.69
C5 DTP D . 0.31 -2.99 11.03
C6 DTP D . -0.41 -1.89 10.36
N6 DTP D . -0.09 -1.59 9.08
N1 DTP D . -1.38 -1.23 11.05
C2 DTP D . -1.69 -1.56 12.32
N3 DTP D . -1.07 -2.55 12.99
C4 DTP D . -0.08 -3.28 12.42
MN MN E . 5.30 -10.41 11.90
MN MN F . 2.42 -11.78 11.87
MN MN G . -1.07 12.84 -20.66
S SO4 H . 29.07 17.96 14.67
O1 SO4 H . 27.83 17.89 15.46
O2 SO4 H . 29.95 16.84 15.06
O3 SO4 H . 28.72 17.85 13.22
O4 SO4 H . 29.78 19.25 14.88
S SO4 I . 17.47 9.91 17.66
O1 SO4 I . 16.22 9.77 18.46
O2 SO4 I . 18.65 9.48 18.43
O3 SO4 I . 17.36 9.05 16.46
O4 SO4 I . 17.63 11.35 17.26
#